data_2WTB
#
_entry.id   2WTB
#
_cell.length_a   110.480
_cell.length_b   110.480
_cell.length_c   125.470
_cell.angle_alpha   90.00
_cell.angle_beta   90.00
_cell.angle_gamma   120.00
#
_symmetry.space_group_name_H-M   'P 32 2 1'
#
loop_
_entity.id
_entity.type
_entity.pdbx_description
1 polymer 'FATTY ACID MULTIFUNCTIONAL PROTEIN (ATMFP2)'
2 water water
#
_entity_poly.entity_id   1
_entity_poly.type   'polypeptide(L)'
_entity_poly.pdbx_seq_one_letter_code
;MDSRTKGKTVMEVGGDGVAVITLINPPVNSLSFDVLYNLKSNYEEALSRNDVKAIVITGAKGRFSGGFDISGFGEMQKGN
VKEPKAGYISIDIITDLLEAARKPSVAAIDGLALGGGLELAMACHARISAPAAQLGLPELQLGVIPGFGGTQRLPRLVGL
TKALEMILTSKPVKAEEGHSLGLIDAVVPPAELVTTARRWALDIVGRRKPWVSSVSKTDKLPPLGEAREILTFAKAQTLK
RAPNMKHPLMCLDAIEVGIVSGPRAGLEKEAEVASQVVKLDTTKGLIHVFFSQRGTAKVPGVTDRGLVPRKIKKVAIIGG
GLMGSGIATALILSNYPVILKEVNEKFLEAGIGRVKANLQSRVRKGSMSQEKFEKTMSLLKGSLDYESFRDVDMVIEAVI
ENISLKQQIFADLEKYCPQHCILASNTSTIDLNKIGERTKSQDRIVGAHFFSPAHIMPLLEIVRTNHTSAQVIVDLLDVG
KKIKKTPVVVGNCTGFAVNRMFFPYTQAAMFLVECGADPYLIDRAISKFGMPMGPFRLCDLVGFGVAIATATQFIENFSE
RTYKSMIIPLMQEDKRAGEATRKGFYLYDDKRKAKPDPELKKYIEKARSISGVKLDPKLANLSEKDIIEMTFFPVVNEAC
RVFAEGIAVKAADLDIAGIMGMGFPPYRGGIMFWADSIGSKYIYSRLDEWSKAYGEFFKPCAFLAERGSKGVLLSAPVKQ
ASSRL
;
_entity_poly.pdbx_strand_id   A
#
# COMPACT_ATOMS: atom_id res chain seq x y z
N GLY A 7 -6.79 -19.79 17.32
CA GLY A 7 -5.62 -20.07 18.13
C GLY A 7 -5.97 -20.40 19.57
N LYS A 8 -4.97 -20.40 20.45
CA LYS A 8 -5.18 -20.75 21.84
C LYS A 8 -4.24 -19.99 22.77
N THR A 9 -4.25 -20.36 24.05
CA THR A 9 -3.30 -19.85 25.02
C THR A 9 -2.95 -20.97 25.99
N VAL A 10 -1.71 -20.97 26.47
CA VAL A 10 -1.28 -21.94 27.46
C VAL A 10 -0.80 -21.23 28.72
N MET A 11 -1.30 -21.65 29.87
CA MET A 11 -0.89 -21.05 31.14
C MET A 11 -0.14 -22.06 32.02
N GLU A 12 0.98 -21.61 32.56
CA GLU A 12 1.78 -22.45 33.45
C GLU A 12 2.19 -21.69 34.71
N VAL A 13 1.97 -22.30 35.87
CA VAL A 13 2.28 -21.66 37.14
C VAL A 13 3.62 -22.10 37.67
N GLY A 14 4.57 -21.17 37.75
CA GLY A 14 5.90 -21.46 38.24
C GLY A 14 5.89 -21.76 39.73
N GLY A 15 7.06 -22.11 40.27
CA GLY A 15 7.21 -22.39 41.68
C GLY A 15 7.25 -21.13 42.51
N ASP A 16 7.30 -19.98 41.85
CA ASP A 16 7.27 -18.70 42.53
C ASP A 16 5.84 -18.17 42.61
N GLY A 17 4.91 -18.92 42.02
CA GLY A 17 3.51 -18.57 42.08
C GLY A 17 3.04 -17.71 40.93
N VAL A 18 3.97 -17.36 40.04
CA VAL A 18 3.64 -16.54 38.88
C VAL A 18 3.07 -17.38 37.74
N ALA A 19 1.91 -16.96 37.22
CA ALA A 19 1.28 -17.64 36.11
C ALA A 19 1.69 -17.00 34.78
N VAL A 20 2.34 -17.77 33.92
CA VAL A 20 2.77 -17.29 32.61
C VAL A 20 1.81 -17.76 31.53
N ILE A 21 1.21 -16.82 30.81
CA ILE A 21 0.26 -17.13 29.75
C ILE A 21 0.87 -16.84 28.39
N THR A 22 0.98 -17.86 27.55
CA THR A 22 1.55 -17.71 26.22
C THR A 22 0.47 -17.63 25.15
N LEU A 23 0.50 -16.56 24.36
CA LEU A 23 -0.44 -16.40 23.27
C LEU A 23 0.03 -17.20 22.06
N ILE A 24 -0.81 -18.13 21.61
CA ILE A 24 -0.41 -19.04 20.55
C ILE A 24 -1.40 -19.03 19.38
N ASN A 25 -1.10 -18.25 18.36
CA ASN A 25 -1.94 -18.18 17.17
C ASN A 25 -1.17 -17.65 15.96
N PRO A 26 -0.32 -18.51 15.36
CA PRO A 26 0.49 -18.15 14.20
C PRO A 26 -0.36 -17.54 13.09
N PRO A 27 0.23 -16.69 12.25
CA PRO A 27 1.66 -16.36 12.16
C PRO A 27 2.15 -15.38 13.24
N VAL A 28 1.34 -14.40 13.61
CA VAL A 28 1.80 -13.35 14.50
C VAL A 28 1.04 -13.27 15.82
N ASN A 29 0.39 -14.37 16.20
CA ASN A 29 -0.36 -14.43 17.46
C ASN A 29 -1.42 -13.35 17.57
N SER A 30 -2.21 -13.17 16.51
CA SER A 30 -3.29 -12.21 16.52
C SER A 30 -4.33 -12.59 17.58
N LEU A 31 -5.00 -11.58 18.13
CA LEU A 31 -5.98 -11.81 19.19
C LEU A 31 -7.35 -12.19 18.62
N SER A 32 -7.51 -13.46 18.28
CA SER A 32 -8.81 -13.96 17.89
C SER A 32 -9.70 -14.05 19.12
N PHE A 33 -11.00 -14.22 18.91
CA PHE A 33 -11.92 -14.40 20.02
C PHE A 33 -11.52 -15.64 20.81
N ASP A 34 -11.12 -16.68 20.09
CA ASP A 34 -10.68 -17.92 20.71
C ASP A 34 -9.60 -17.64 21.75
N VAL A 35 -8.52 -17.00 21.30
CA VAL A 35 -7.44 -16.61 22.19
C VAL A 35 -7.98 -15.83 23.38
N LEU A 36 -8.84 -14.86 23.09
CA LEU A 36 -9.37 -13.97 24.13
C LEU A 36 -10.20 -14.71 25.19
N TYR A 37 -10.98 -15.69 24.75
CA TYR A 37 -11.82 -16.45 25.69
C TYR A 37 -11.00 -17.45 26.50
N ASN A 38 -9.93 -17.96 25.89
CA ASN A 38 -8.99 -18.79 26.63
C ASN A 38 -8.27 -17.95 27.67
N LEU A 39 -8.00 -16.69 27.31
CA LEU A 39 -7.35 -15.75 28.21
C LEU A 39 -8.27 -15.44 29.38
N LYS A 40 -9.53 -15.16 29.09
CA LYS A 40 -10.54 -14.92 30.11
C LYS A 40 -10.56 -16.06 31.11
N SER A 41 -10.61 -17.29 30.61
CA SER A 41 -10.61 -18.47 31.47
C SER A 41 -9.33 -18.53 32.30
N ASN A 42 -8.20 -18.30 31.63
CA ASN A 42 -6.91 -18.25 32.31
C ASN A 42 -6.99 -17.38 33.56
N TYR A 43 -7.48 -16.16 33.37
CA TYR A 43 -7.54 -15.18 34.45
C TYR A 43 -8.50 -15.58 35.57
N GLU A 44 -9.67 -16.08 35.19
CA GLU A 44 -10.66 -16.50 36.18
C GLU A 44 -10.09 -17.59 37.07
N GLU A 45 -9.20 -18.40 36.50
CA GLU A 45 -8.54 -19.45 37.27
C GLU A 45 -7.43 -18.88 38.14
N ALA A 46 -6.57 -18.06 37.53
CA ALA A 46 -5.42 -17.50 38.23
C ALA A 46 -5.84 -16.67 39.44
N LEU A 47 -6.98 -15.99 39.32
CA LEU A 47 -7.45 -15.12 40.39
C LEU A 47 -8.22 -15.91 41.45
N SER A 48 -8.33 -17.22 41.24
CA SER A 48 -9.02 -18.09 42.19
C SER A 48 -8.05 -19.06 42.84
N ARG A 49 -6.92 -19.29 42.19
CA ARG A 49 -5.91 -20.22 42.71
C ARG A 49 -5.05 -19.56 43.78
N ASN A 50 -4.98 -20.19 44.94
CA ASN A 50 -4.20 -19.68 46.06
C ASN A 50 -2.70 -19.69 45.77
N ASP A 51 -2.27 -20.62 44.92
CA ASP A 51 -0.86 -20.77 44.58
C ASP A 51 -0.40 -19.73 43.57
N VAL A 52 -1.34 -18.96 43.03
CA VAL A 52 -1.01 -17.91 42.08
C VAL A 52 -0.93 -16.55 42.77
N LYS A 53 0.14 -15.81 42.50
CA LYS A 53 0.35 -14.50 43.12
C LYS A 53 0.19 -13.37 42.10
N ALA A 54 0.65 -13.61 40.89
CA ALA A 54 0.57 -12.63 39.82
C ALA A 54 0.50 -13.31 38.47
N ILE A 55 0.42 -12.53 37.40
CA ILE A 55 0.31 -13.06 36.05
C ILE A 55 1.31 -12.39 35.12
N VAL A 56 1.84 -13.17 34.18
CA VAL A 56 2.68 -12.62 33.12
C VAL A 56 2.13 -13.08 31.79
N ILE A 57 2.15 -12.19 30.80
CA ILE A 57 1.64 -12.52 29.48
C ILE A 57 2.73 -12.37 28.43
N THR A 58 2.85 -13.36 27.55
CA THR A 58 3.82 -13.31 26.48
C THR A 58 3.31 -14.10 25.28
N GLY A 59 3.96 -13.92 24.13
CA GLY A 59 3.57 -14.61 22.92
C GLY A 59 4.49 -15.75 22.57
N ALA A 60 4.05 -16.60 21.64
CA ALA A 60 4.86 -17.73 21.21
C ALA A 60 5.80 -17.34 20.07
N LYS A 61 6.92 -18.04 19.98
CA LYS A 61 7.86 -17.84 18.89
C LYS A 61 8.34 -16.39 18.77
N GLY A 62 8.76 -15.81 19.89
CA GLY A 62 9.35 -14.49 19.91
C GLY A 62 8.51 -13.37 19.34
N ARG A 63 7.20 -13.42 19.59
CA ARG A 63 6.27 -12.39 19.13
C ARG A 63 5.09 -12.28 20.08
N PHE A 64 4.86 -11.08 20.60
CA PHE A 64 3.77 -10.87 21.54
C PHE A 64 2.40 -11.04 20.88
N SER A 65 2.04 -10.11 19.99
CA SER A 65 0.76 -10.16 19.30
C SER A 65 0.66 -9.09 18.21
N GLY A 66 0.38 -9.52 16.99
CA GLY A 66 0.41 -8.63 15.85
C GLY A 66 -0.86 -7.84 15.57
N GLY A 67 -1.92 -8.14 16.30
CA GLY A 67 -3.17 -7.43 16.10
C GLY A 67 -4.39 -8.31 16.23
N PHE A 68 -5.38 -8.09 15.36
CA PHE A 68 -6.61 -8.86 15.40
C PHE A 68 -6.66 -9.90 14.27
N ASP A 69 -7.35 -10.99 14.51
CA ASP A 69 -7.37 -12.12 13.58
C ASP A 69 -7.99 -11.77 12.24
N ILE A 70 -7.55 -12.46 11.19
CA ILE A 70 -8.06 -12.23 9.85
C ILE A 70 -8.72 -13.48 9.27
N GLU A 83 -18.61 -10.99 20.22
CA GLU A 83 -18.71 -10.38 21.54
C GLU A 83 -20.13 -9.89 21.81
N PRO A 84 -20.69 -10.27 22.98
CA PRO A 84 -22.05 -9.90 23.38
C PRO A 84 -22.33 -8.41 23.18
N LYS A 85 -21.85 -7.58 24.11
CA LYS A 85 -22.02 -6.15 24.00
C LYS A 85 -21.07 -5.55 22.96
N ALA A 86 -20.95 -4.24 22.96
CA ALA A 86 -20.06 -3.56 22.02
C ALA A 86 -18.64 -3.53 22.56
N GLY A 87 -18.51 -3.46 23.88
CA GLY A 87 -17.22 -3.41 24.53
C GLY A 87 -17.05 -4.47 25.59
N TYR A 88 -17.62 -5.64 25.34
CA TYR A 88 -17.51 -6.76 26.28
C TYR A 88 -16.06 -7.07 26.58
N ILE A 89 -15.24 -7.15 25.53
CA ILE A 89 -13.83 -7.44 25.69
C ILE A 89 -13.09 -6.25 26.28
N SER A 90 -13.16 -5.12 25.57
CA SER A 90 -12.48 -3.90 25.99
C SER A 90 -12.72 -3.61 27.46
N ILE A 91 -13.97 -3.69 27.89
CA ILE A 91 -14.37 -3.27 29.23
C ILE A 91 -14.42 -4.41 30.23
N ASP A 92 -15.24 -5.41 29.96
CA ASP A 92 -15.45 -6.50 30.91
C ASP A 92 -14.22 -7.39 31.09
N ILE A 93 -13.55 -7.71 29.99
CA ILE A 93 -12.41 -8.62 30.04
C ILE A 93 -11.10 -7.90 30.33
N ILE A 94 -10.75 -6.95 29.47
CA ILE A 94 -9.47 -6.26 29.58
C ILE A 94 -9.39 -5.29 30.75
N THR A 95 -10.43 -4.47 30.90
CA THR A 95 -10.41 -3.40 31.90
C THR A 95 -10.79 -3.88 33.31
N ASP A 96 -11.90 -4.59 33.41
CA ASP A 96 -12.41 -5.03 34.70
C ASP A 96 -11.73 -6.30 35.20
N LEU A 97 -11.80 -7.36 34.41
CA LEU A 97 -11.25 -8.65 34.80
C LEU A 97 -9.73 -8.59 34.99
N LEU A 98 -9.05 -8.06 33.98
CA LEU A 98 -7.58 -8.09 33.95
C LEU A 98 -6.96 -6.92 34.71
N GLU A 99 -7.18 -5.71 34.22
CA GLU A 99 -6.50 -4.53 34.77
C GLU A 99 -6.92 -4.21 36.20
N ALA A 100 -8.19 -4.46 36.51
CA ALA A 100 -8.73 -4.14 37.84
C ALA A 100 -8.70 -5.34 38.77
N ALA A 101 -7.86 -6.33 38.46
CA ALA A 101 -7.75 -7.52 39.29
C ALA A 101 -6.90 -7.24 40.53
N ARG A 102 -7.08 -8.08 41.55
CA ARG A 102 -6.28 -7.93 42.77
C ARG A 102 -4.99 -8.74 42.68
N LYS A 103 -4.57 -9.04 41.45
CA LYS A 103 -3.27 -9.64 41.18
C LYS A 103 -2.66 -8.97 39.96
N PRO A 104 -1.40 -8.53 40.07
CA PRO A 104 -0.74 -7.74 39.03
C PRO A 104 -0.42 -8.56 37.79
N SER A 105 -0.52 -7.94 36.63
CA SER A 105 -0.13 -8.58 35.37
C SER A 105 1.05 -7.83 34.78
N VAL A 106 1.97 -8.56 34.17
CA VAL A 106 3.08 -7.95 33.46
C VAL A 106 3.20 -8.55 32.07
N ALA A 107 3.29 -7.68 31.07
CA ALA A 107 3.43 -8.14 29.70
C ALA A 107 4.90 -8.31 29.32
N ALA A 108 5.21 -9.45 28.72
CA ALA A 108 6.56 -9.71 28.22
C ALA A 108 6.55 -9.65 26.70
N ILE A 109 7.04 -8.54 26.16
CA ILE A 109 6.94 -8.27 24.73
C ILE A 109 8.20 -8.60 23.94
N ASP A 110 8.02 -9.34 22.86
CA ASP A 110 9.09 -9.63 21.92
C ASP A 110 8.55 -9.43 20.50
N GLY A 111 9.44 -9.08 19.57
CA GLY A 111 9.05 -8.97 18.18
C GLY A 111 8.14 -7.79 17.89
N LEU A 112 6.85 -7.96 18.18
CA LEU A 112 5.88 -6.90 17.95
C LEU A 112 4.73 -6.89 18.95
N ALA A 113 4.07 -5.74 19.03
CA ALA A 113 2.84 -5.56 19.79
C ALA A 113 2.05 -4.49 19.08
N LEU A 114 1.20 -4.90 18.14
CA LEU A 114 0.46 -3.96 17.31
C LEU A 114 -1.04 -4.08 17.53
N GLY A 115 -1.73 -2.94 17.51
CA GLY A 115 -3.18 -2.93 17.67
C GLY A 115 -3.63 -3.60 18.95
N GLY A 116 -4.61 -4.49 18.83
CA GLY A 116 -5.10 -5.25 19.97
C GLY A 116 -3.96 -5.84 20.80
N GLY A 117 -2.87 -6.17 20.14
CA GLY A 117 -1.70 -6.69 20.83
C GLY A 117 -1.07 -5.66 21.74
N LEU A 118 -0.98 -4.42 21.26
CA LEU A 118 -0.43 -3.34 22.06
C LEU A 118 -1.42 -2.93 23.14
N GLU A 119 -2.70 -2.99 22.81
CA GLU A 119 -3.75 -2.62 23.75
C GLU A 119 -3.77 -3.57 24.94
N LEU A 120 -3.73 -4.87 24.68
CA LEU A 120 -3.70 -5.88 25.73
C LEU A 120 -2.51 -5.64 26.67
N ALA A 121 -1.37 -5.25 26.09
CA ALA A 121 -0.17 -4.98 26.88
C ALA A 121 -0.33 -3.71 27.74
N MET A 122 -0.97 -2.70 27.18
CA MET A 122 -1.23 -1.46 27.93
C MET A 122 -2.17 -1.70 29.10
N ALA A 123 -2.99 -2.74 28.99
CA ALA A 123 -3.91 -3.12 30.06
C ALA A 123 -3.15 -3.70 31.24
N CYS A 124 -2.02 -4.34 30.97
CA CYS A 124 -1.16 -4.88 32.01
C CYS A 124 -0.58 -3.77 32.84
N HIS A 125 -0.04 -4.10 34.01
CA HIS A 125 0.41 -3.11 34.98
C HIS A 125 1.86 -2.66 34.78
N ALA A 126 2.59 -3.38 33.93
CA ALA A 126 3.95 -3.02 33.58
C ALA A 126 4.32 -3.70 32.25
N ARG A 127 5.35 -3.20 31.58
CA ARG A 127 5.73 -3.75 30.29
C ARG A 127 7.24 -3.97 30.12
N ILE A 128 7.60 -5.23 29.86
CA ILE A 128 8.98 -5.57 29.53
C ILE A 128 9.05 -5.90 28.04
N SER A 129 10.07 -5.39 27.36
CA SER A 129 10.18 -5.57 25.92
C SER A 129 11.60 -5.88 25.46
N ALA A 130 11.70 -6.60 24.35
CA ALA A 130 12.97 -6.88 23.71
C ALA A 130 13.39 -5.70 22.86
N PRO A 131 14.71 -5.52 22.68
CA PRO A 131 15.33 -4.35 22.05
C PRO A 131 14.55 -3.67 20.93
N ALA A 132 14.46 -4.30 19.76
CA ALA A 132 13.88 -3.61 18.60
C ALA A 132 12.43 -3.94 18.30
N ALA A 133 11.67 -4.30 19.34
CA ALA A 133 10.26 -4.65 19.15
C ALA A 133 9.44 -3.46 18.64
N GLN A 134 8.39 -3.73 17.89
CA GLN A 134 7.54 -2.67 17.34
C GLN A 134 6.24 -2.54 18.11
N LEU A 135 5.89 -1.30 18.44
CA LEU A 135 4.70 -1.01 19.21
C LEU A 135 3.93 0.10 18.52
N GLY A 136 2.64 -0.13 18.28
CA GLY A 136 1.82 0.87 17.62
C GLY A 136 0.36 0.49 17.45
N LEU A 137 -0.41 1.42 16.92
CA LEU A 137 -1.83 1.19 16.64
C LEU A 137 -2.13 1.54 15.18
N PRO A 138 -2.02 0.54 14.30
CA PRO A 138 -2.17 0.68 12.83
C PRO A 138 -3.63 0.69 12.38
N GLU A 139 -4.56 0.48 13.31
CA GLU A 139 -5.98 0.34 12.99
C GLU A 139 -6.49 1.33 11.93
N LEU A 140 -6.09 2.59 12.03
CA LEU A 140 -6.61 3.62 11.15
C LEU A 140 -6.34 3.36 9.66
N GLN A 141 -5.28 2.62 9.37
CA GLN A 141 -4.94 2.32 7.97
C GLN A 141 -6.00 1.44 7.32
N LEU A 142 -6.73 0.69 8.14
CA LEU A 142 -7.79 -0.18 7.63
C LEU A 142 -9.14 0.52 7.70
N GLY A 143 -9.13 1.76 8.16
CA GLY A 143 -10.36 2.53 8.29
C GLY A 143 -11.12 2.16 9.54
N VAL A 144 -10.43 1.49 10.46
CA VAL A 144 -11.04 1.10 11.73
C VAL A 144 -10.33 1.85 12.87
N ILE A 145 -10.76 1.63 14.11
CA ILE A 145 -10.15 2.27 15.26
C ILE A 145 -9.76 1.25 16.32
N PRO A 146 -8.84 1.64 17.23
CA PRO A 146 -8.51 0.81 18.39
C PRO A 146 -9.75 0.52 19.21
N GLY A 147 -10.02 -0.75 19.48
CA GLY A 147 -11.26 -1.13 20.14
C GLY A 147 -11.09 -1.89 21.43
N PHE A 148 -9.88 -1.87 21.98
CA PHE A 148 -9.62 -2.57 23.23
C PHE A 148 -9.14 -1.64 24.34
N GLY A 149 -9.29 -0.33 24.11
CA GLY A 149 -8.93 0.65 25.12
C GLY A 149 -7.74 1.51 24.73
N GLY A 150 -7.25 1.33 23.51
CA GLY A 150 -6.11 2.08 23.01
C GLY A 150 -6.35 3.58 22.93
N THR A 151 -7.57 3.96 22.59
CA THR A 151 -7.93 5.38 22.54
C THR A 151 -7.83 6.02 23.92
N GLN A 152 -7.71 5.20 24.96
CA GLN A 152 -7.65 5.69 26.33
C GLN A 152 -6.25 5.56 26.94
N ARG A 153 -5.70 4.35 26.88
CA ARG A 153 -4.45 4.06 27.57
C ARG A 153 -3.21 4.65 26.90
N LEU A 154 -3.22 4.74 25.58
CA LEU A 154 -2.06 5.28 24.86
C LEU A 154 -1.74 6.73 25.24
N PRO A 155 -2.72 7.63 25.14
CA PRO A 155 -2.47 9.02 25.54
C PRO A 155 -2.05 9.13 27.01
N ARG A 156 -2.56 8.23 27.85
CA ARG A 156 -2.24 8.25 29.28
C ARG A 156 -0.85 7.70 29.59
N LEU A 157 -0.29 6.92 28.67
CA LEU A 157 1.03 6.32 28.87
C LEU A 157 2.16 7.09 28.17
N VAL A 158 1.85 7.66 27.01
CA VAL A 158 2.88 8.31 26.21
C VAL A 158 2.64 9.79 26.01
N GLY A 159 1.47 10.26 26.41
CA GLY A 159 1.09 11.64 26.22
C GLY A 159 0.10 11.79 25.07
N LEU A 160 -0.62 12.91 25.05
CA LEU A 160 -1.63 13.14 24.03
C LEU A 160 -1.00 13.44 22.66
N THR A 161 0.06 14.23 22.66
CA THR A 161 0.72 14.64 21.43
C THR A 161 1.28 13.45 20.67
N LYS A 162 1.96 12.55 21.39
CA LYS A 162 2.56 11.37 20.77
C LYS A 162 1.49 10.36 20.38
N ALA A 163 0.54 10.14 21.29
CA ALA A 163 -0.55 9.22 21.04
C ALA A 163 -1.28 9.61 19.76
N LEU A 164 -1.55 10.90 19.61
CA LEU A 164 -2.23 11.42 18.43
C LEU A 164 -1.42 11.15 17.18
N GLU A 165 -0.10 11.32 17.28
CA GLU A 165 0.76 11.07 16.15
C GLU A 165 0.70 9.60 15.75
N MET A 166 0.92 8.71 16.73
CA MET A 166 0.93 7.28 16.48
C MET A 166 -0.39 6.78 15.90
N ILE A 167 -1.50 7.18 16.51
CA ILE A 167 -2.81 6.70 16.09
C ILE A 167 -3.20 7.25 14.71
N LEU A 168 -2.91 8.53 14.47
CA LEU A 168 -3.26 9.15 13.21
C LEU A 168 -2.35 8.70 12.07
N THR A 169 -1.04 8.71 12.34
CA THR A 169 -0.07 8.31 11.33
C THR A 169 -0.06 6.79 11.15
N SER A 170 -0.53 6.08 12.17
CA SER A 170 -0.58 4.63 12.14
C SER A 170 0.81 3.98 12.21
N LYS A 171 1.85 4.82 12.29
CA LYS A 171 3.22 4.33 12.33
C LYS A 171 3.57 3.73 13.69
N PRO A 172 4.27 2.59 13.67
CA PRO A 172 4.75 1.91 14.87
C PRO A 172 5.97 2.61 15.46
N VAL A 173 6.35 2.22 16.67
CA VAL A 173 7.54 2.77 17.31
C VAL A 173 8.37 1.65 17.95
N LYS A 174 9.69 1.79 17.92
CA LYS A 174 10.58 0.78 18.47
C LYS A 174 10.54 0.78 20.00
N ALA A 175 10.93 -0.35 20.59
CA ALA A 175 10.87 -0.51 22.04
C ALA A 175 11.69 0.58 22.76
N GLU A 176 12.88 0.87 22.23
CA GLU A 176 13.76 1.86 22.82
C GLU A 176 13.04 3.20 23.00
N GLU A 177 12.54 3.76 21.91
CA GLU A 177 11.80 5.01 21.97
C GLU A 177 10.58 4.86 22.88
N GLY A 178 9.95 3.70 22.82
CA GLY A 178 8.80 3.41 23.66
C GLY A 178 9.16 3.46 25.14
N HIS A 179 10.37 3.03 25.46
CA HIS A 179 10.85 3.04 26.83
C HIS A 179 10.97 4.46 27.38
N SER A 180 11.53 5.35 26.56
CA SER A 180 11.73 6.74 26.97
C SER A 180 10.41 7.51 27.04
N LEU A 181 9.38 6.98 26.41
CA LEU A 181 8.07 7.63 26.37
C LEU A 181 7.19 7.23 27.55
N GLY A 182 7.52 6.11 28.20
CA GLY A 182 6.74 5.61 29.31
C GLY A 182 5.79 4.51 28.88
N LEU A 183 5.92 4.09 27.64
CA LEU A 183 5.11 2.99 27.11
C LEU A 183 5.68 1.65 27.55
N ILE A 184 7.00 1.53 27.49
CA ILE A 184 7.73 0.34 27.92
C ILE A 184 8.51 0.63 29.19
N ASP A 185 8.36 -0.23 30.20
CA ASP A 185 8.99 -0.02 31.50
C ASP A 185 10.45 -0.45 31.55
N ALA A 186 10.82 -1.41 30.72
CA ALA A 186 12.19 -1.91 30.70
C ALA A 186 12.53 -2.64 29.41
N VAL A 187 13.76 -2.47 28.94
CA VAL A 187 14.24 -3.17 27.75
C VAL A 187 15.35 -4.14 28.11
N VAL A 188 15.08 -5.43 27.91
CA VAL A 188 16.06 -6.47 28.21
C VAL A 188 16.21 -7.40 27.00
N PRO A 189 17.29 -8.19 26.97
CA PRO A 189 17.52 -9.17 25.90
C PRO A 189 16.38 -10.18 25.85
N PRO A 190 16.07 -10.67 24.65
CA PRO A 190 14.95 -11.60 24.43
C PRO A 190 14.99 -12.79 25.40
N ALA A 191 16.20 -13.18 25.80
CA ALA A 191 16.37 -14.36 26.64
C ALA A 191 16.09 -14.08 28.12
N GLU A 192 15.94 -12.81 28.47
CA GLU A 192 15.67 -12.44 29.85
C GLU A 192 14.26 -11.88 30.00
N LEU A 193 13.55 -11.80 28.87
CA LEU A 193 12.21 -11.22 28.80
C LEU A 193 11.27 -11.73 29.88
N VAL A 194 10.96 -13.03 29.85
CA VAL A 194 10.00 -13.62 30.78
C VAL A 194 10.51 -13.64 32.22
N THR A 195 11.81 -13.89 32.40
CA THR A 195 12.42 -13.87 33.72
C THR A 195 12.28 -12.50 34.36
N THR A 196 12.59 -11.46 33.60
CA THR A 196 12.46 -10.10 34.07
C THR A 196 11.01 -9.79 34.43
N ALA A 197 10.09 -10.26 33.60
CA ALA A 197 8.67 -9.97 33.80
C ALA A 197 8.13 -10.58 35.09
N ARG A 198 8.47 -11.85 35.35
CA ARG A 198 7.99 -12.51 36.56
C ARG A 198 8.64 -11.91 37.81
N ARG A 199 9.89 -11.48 37.69
CA ARG A 199 10.56 -10.77 38.77
C ARG A 199 9.87 -9.43 39.02
N TRP A 200 9.50 -8.77 37.94
CA TRP A 200 8.80 -7.48 38.04
C TRP A 200 7.44 -7.68 38.69
N ALA A 201 6.73 -8.74 38.30
CA ALA A 201 5.41 -9.03 38.81
C ALA A 201 5.39 -9.23 40.32
N LEU A 202 6.39 -9.94 40.85
CA LEU A 202 6.47 -10.17 42.28
C LEU A 202 6.99 -8.95 43.03
N ASP A 203 7.68 -8.07 42.29
CA ASP A 203 8.09 -6.78 42.85
C ASP A 203 6.85 -5.96 43.21
N ILE A 204 5.87 -5.97 42.31
CA ILE A 204 4.62 -5.23 42.53
C ILE A 204 3.85 -5.81 43.71
N VAL A 205 3.74 -7.14 43.75
CA VAL A 205 3.09 -7.83 44.85
C VAL A 205 3.76 -7.49 46.18
N GLY A 206 5.06 -7.27 46.14
CA GLY A 206 5.83 -7.01 47.35
C GLY A 206 6.10 -5.53 47.60
N ARG A 207 5.54 -4.68 46.73
CA ARG A 207 5.63 -3.24 46.92
C ARG A 207 7.04 -2.69 46.69
N ARG A 208 7.87 -3.45 46.01
CA ARG A 208 9.19 -2.95 45.63
C ARG A 208 9.03 -2.10 44.38
N LYS A 209 7.87 -2.24 43.74
CA LYS A 209 7.54 -1.45 42.57
C LYS A 209 6.07 -1.04 42.57
N PRO A 210 5.78 0.12 41.95
CA PRO A 210 4.44 0.72 41.88
C PRO A 210 3.41 -0.21 41.22
N TRP A 211 2.16 -0.13 41.69
CA TRP A 211 1.08 -0.89 41.09
C TRP A 211 0.17 0.08 40.32
N VAL A 212 0.53 0.36 39.08
CA VAL A 212 -0.15 1.39 38.29
C VAL A 212 -1.22 0.85 37.33
N SER A 213 -2.38 1.48 37.34
CA SER A 213 -3.40 1.24 36.33
C SER A 213 -3.35 2.33 35.26
N SER A 214 -3.03 1.93 34.03
CA SER A 214 -2.86 2.85 32.92
C SER A 214 -4.12 3.66 32.61
N VAL A 215 -5.28 3.03 32.77
CA VAL A 215 -6.53 3.63 32.34
C VAL A 215 -6.95 4.82 33.21
N SER A 216 -6.53 4.80 34.47
CA SER A 216 -6.86 5.89 35.40
C SER A 216 -5.64 6.75 35.73
N LYS A 217 -4.72 6.86 34.77
CA LYS A 217 -3.50 7.63 34.95
C LYS A 217 -3.63 8.99 34.24
N THR A 218 -3.37 10.07 34.97
CA THR A 218 -3.53 11.41 34.43
C THR A 218 -2.20 12.17 34.35
N ASP A 219 -1.19 11.63 35.03
CA ASP A 219 0.16 12.17 35.00
C ASP A 219 0.57 12.78 33.66
N LYS A 220 0.26 12.08 32.57
CA LYS A 220 0.81 12.44 31.26
C LYS A 220 -0.11 13.33 30.42
N LEU A 221 -1.37 13.46 30.84
CA LEU A 221 -2.33 14.28 30.11
C LEU A 221 -2.11 15.76 30.36
N PRO A 222 -2.44 16.60 29.36
CA PRO A 222 -2.42 18.05 29.47
C PRO A 222 -3.63 18.54 30.27
N PRO A 223 -3.60 19.80 30.72
CA PRO A 223 -4.76 20.38 31.41
C PRO A 223 -6.00 20.32 30.53
N LEU A 224 -7.15 20.10 31.14
CA LEU A 224 -8.41 19.92 30.41
C LEU A 224 -8.55 20.90 29.24
N GLY A 225 -8.26 22.17 29.48
CA GLY A 225 -8.41 23.20 28.47
C GLY A 225 -7.48 23.06 27.29
N GLU A 226 -6.21 22.76 27.57
CA GLU A 226 -5.21 22.63 26.52
C GLU A 226 -5.40 21.35 25.71
N ALA A 227 -5.86 20.30 26.38
CA ALA A 227 -6.14 19.04 25.70
C ALA A 227 -7.18 19.28 24.61
N ARG A 228 -8.17 20.11 24.91
CA ARG A 228 -9.20 20.46 23.93
C ARG A 228 -8.60 21.25 22.77
N GLU A 229 -7.58 22.05 23.06
CA GLU A 229 -6.89 22.82 22.05
C GLU A 229 -6.12 21.89 21.11
N ILE A 230 -5.53 20.86 21.69
CA ILE A 230 -4.77 19.88 20.92
C ILE A 230 -5.70 18.99 20.09
N LEU A 231 -6.82 18.60 20.69
CA LEU A 231 -7.81 17.77 20.02
C LEU A 231 -8.51 18.51 18.89
N THR A 232 -8.90 19.76 19.17
CA THR A 232 -9.52 20.60 18.15
C THR A 232 -8.59 20.74 16.96
N PHE A 233 -7.34 21.14 17.22
CA PHE A 233 -6.35 21.30 16.17
C PHE A 233 -6.28 20.06 15.28
N ALA A 234 -6.05 18.90 15.90
CA ALA A 234 -5.97 17.64 15.18
C ALA A 234 -7.17 17.44 14.25
N LYS A 235 -8.37 17.50 14.82
CA LYS A 235 -9.59 17.37 14.04
C LYS A 235 -9.54 18.28 12.81
N ALA A 236 -9.13 19.52 13.04
CA ALA A 236 -9.11 20.53 11.98
C ALA A 236 -8.21 20.12 10.82
N GLN A 237 -6.98 19.72 11.12
CA GLN A 237 -6.02 19.40 10.07
C GLN A 237 -6.25 18.01 9.46
N THR A 238 -7.06 17.21 10.13
CA THR A 238 -7.43 15.90 9.60
C THR A 238 -8.54 16.06 8.57
N LEU A 239 -9.28 17.15 8.67
CA LEU A 239 -10.32 17.49 7.69
C LEU A 239 -9.73 18.27 6.51
N LYS A 240 -8.50 18.74 6.69
CA LYS A 240 -7.82 19.48 5.63
C LYS A 240 -7.09 18.53 4.68
N ARG A 241 -6.51 17.47 5.24
CA ARG A 241 -5.76 16.51 4.46
C ARG A 241 -6.64 15.39 3.93
N ALA A 242 -7.42 14.80 4.83
CA ALA A 242 -8.28 13.66 4.48
C ALA A 242 -9.76 14.00 4.69
N PRO A 243 -10.31 14.86 3.84
CA PRO A 243 -11.72 15.26 3.97
C PRO A 243 -12.61 14.08 3.62
N ASN A 244 -12.03 13.13 2.89
CA ASN A 244 -12.74 11.99 2.33
C ASN A 244 -13.18 10.95 3.36
N MET A 245 -12.39 10.78 4.41
CA MET A 245 -12.65 9.73 5.40
C MET A 245 -13.08 10.31 6.75
N LYS A 246 -13.95 9.58 7.44
CA LYS A 246 -14.53 10.06 8.69
C LYS A 246 -13.95 9.37 9.92
N HIS A 247 -13.52 8.13 9.76
CA HIS A 247 -13.07 7.32 10.90
C HIS A 247 -12.02 8.00 11.79
N PRO A 248 -11.07 8.76 11.20
CA PRO A 248 -10.11 9.45 12.07
C PRO A 248 -10.78 10.41 13.04
N LEU A 249 -11.72 11.21 12.55
CA LEU A 249 -12.44 12.15 13.40
C LEU A 249 -13.28 11.38 14.43
N MET A 250 -13.85 10.28 13.99
CA MET A 250 -14.65 9.43 14.88
C MET A 250 -13.76 8.85 15.98
N CYS A 251 -12.48 8.65 15.66
CA CYS A 251 -11.53 8.13 16.62
C CYS A 251 -11.10 9.21 17.59
N LEU A 252 -10.98 10.44 17.09
CA LEU A 252 -10.63 11.57 17.93
C LEU A 252 -11.73 11.86 18.94
N ASP A 253 -12.97 11.59 18.55
CA ASP A 253 -14.11 11.73 19.45
C ASP A 253 -13.91 10.87 20.71
N ALA A 254 -13.66 9.58 20.49
CA ALA A 254 -13.46 8.65 21.59
C ALA A 254 -12.34 9.11 22.52
N ILE A 255 -11.33 9.75 21.94
CA ILE A 255 -10.19 10.22 22.72
C ILE A 255 -10.59 11.39 23.61
N GLU A 256 -11.31 12.36 23.04
CA GLU A 256 -11.74 13.53 23.78
C GLU A 256 -12.68 13.16 24.93
N VAL A 257 -13.67 12.32 24.63
CA VAL A 257 -14.62 11.87 25.64
C VAL A 257 -13.91 11.26 26.85
N GLY A 258 -12.93 10.40 26.58
CA GLY A 258 -12.18 9.75 27.64
C GLY A 258 -11.43 10.74 28.50
N ILE A 259 -10.95 11.81 27.89
CA ILE A 259 -10.21 12.84 28.62
C ILE A 259 -11.15 13.70 29.45
N VAL A 260 -12.25 14.13 28.84
CA VAL A 260 -13.19 15.04 29.47
C VAL A 260 -14.13 14.34 30.45
N SER A 261 -14.92 13.40 29.95
CA SER A 261 -15.91 12.70 30.77
C SER A 261 -15.30 11.57 31.58
N GLY A 262 -13.98 11.42 31.51
CA GLY A 262 -13.31 10.36 32.25
C GLY A 262 -13.08 9.12 31.42
N PRO A 263 -12.31 8.16 31.96
CA PRO A 263 -11.90 6.93 31.29
C PRO A 263 -13.06 6.01 30.95
N ARG A 264 -13.88 5.67 31.94
CA ARG A 264 -14.96 4.70 31.72
C ARG A 264 -15.96 5.18 30.66
N ALA A 265 -16.19 6.49 30.60
CA ALA A 265 -17.03 7.06 29.56
C ALA A 265 -16.31 6.91 28.22
N GLY A 266 -15.01 7.15 28.22
CA GLY A 266 -14.22 7.03 27.02
C GLY A 266 -14.29 5.66 26.39
N LEU A 267 -14.22 4.63 27.23
CA LEU A 267 -14.28 3.25 26.75
C LEU A 267 -15.56 2.98 25.97
N GLU A 268 -16.69 3.17 26.64
CA GLU A 268 -17.99 2.95 26.01
C GLU A 268 -18.15 3.77 24.73
N LYS A 269 -17.52 4.93 24.68
CA LYS A 269 -17.55 5.78 23.50
C LYS A 269 -16.79 5.13 22.35
N GLU A 270 -15.65 4.52 22.69
CA GLU A 270 -14.83 3.82 21.71
C GLU A 270 -15.55 2.56 21.23
N ALA A 271 -16.16 1.84 22.16
CA ALA A 271 -16.91 0.64 21.84
C ALA A 271 -18.02 0.94 20.83
N GLU A 272 -18.63 2.12 20.98
CA GLU A 272 -19.69 2.54 20.08
C GLU A 272 -19.13 2.95 18.71
N VAL A 273 -18.08 3.75 18.73
CA VAL A 273 -17.44 4.20 17.50
C VAL A 273 -16.90 3.03 16.67
N ALA A 274 -16.43 2.00 17.35
CA ALA A 274 -15.84 0.84 16.69
C ALA A 274 -16.90 -0.01 16.00
N SER A 275 -18.08 -0.11 16.61
CA SER A 275 -19.14 -0.95 16.08
C SER A 275 -19.86 -0.31 14.90
N GLN A 276 -19.64 0.98 14.69
CA GLN A 276 -20.27 1.70 13.60
C GLN A 276 -19.28 2.06 12.50
N VAL A 277 -18.01 2.15 12.85
CA VAL A 277 -16.97 2.48 11.89
C VAL A 277 -16.76 1.36 10.88
N VAL A 278 -17.15 0.15 11.26
CA VAL A 278 -17.01 -1.01 10.40
C VAL A 278 -18.07 -1.01 9.30
N LYS A 279 -19.07 -0.14 9.45
CA LYS A 279 -20.17 -0.07 8.51
C LYS A 279 -19.95 0.99 7.43
N LEU A 280 -18.90 1.79 7.60
CA LEU A 280 -18.57 2.82 6.61
C LEU A 280 -18.22 2.19 5.27
N ASP A 281 -18.54 2.89 4.18
CA ASP A 281 -18.27 2.42 2.84
C ASP A 281 -16.80 2.59 2.45
N THR A 282 -16.11 3.49 3.14
CA THR A 282 -14.70 3.74 2.85
C THR A 282 -13.79 2.79 3.61
N THR A 283 -14.30 2.22 4.70
CA THR A 283 -13.52 1.27 5.47
C THR A 283 -13.62 -0.12 4.84
N LYS A 284 -14.76 -0.39 4.22
CA LYS A 284 -14.92 -1.61 3.43
C LYS A 284 -13.99 -1.53 2.24
N GLY A 285 -13.81 -0.32 1.72
CA GLY A 285 -12.89 -0.07 0.63
C GLY A 285 -11.46 -0.27 1.07
N LEU A 286 -11.13 0.24 2.25
CA LEU A 286 -9.78 0.12 2.79
C LEU A 286 -9.46 -1.32 3.18
N ILE A 287 -10.46 -2.04 3.67
CA ILE A 287 -10.30 -3.44 4.02
C ILE A 287 -10.08 -4.30 2.77
N HIS A 288 -10.84 -3.99 1.71
CA HIS A 288 -10.70 -4.71 0.46
C HIS A 288 -9.32 -4.47 -0.16
N VAL A 289 -8.82 -3.26 -0.03
CA VAL A 289 -7.50 -2.91 -0.55
C VAL A 289 -6.42 -3.67 0.21
N PHE A 290 -6.66 -3.89 1.50
CA PHE A 290 -5.71 -4.62 2.33
C PHE A 290 -5.50 -6.04 1.83
N PHE A 291 -6.59 -6.77 1.64
CA PHE A 291 -6.51 -8.16 1.17
C PHE A 291 -6.03 -8.24 -0.28
N SER A 292 -6.58 -7.39 -1.14
CA SER A 292 -6.22 -7.35 -2.55
C SER A 292 -4.74 -7.10 -2.75
N GLN A 293 -4.16 -6.30 -1.87
CA GLN A 293 -2.71 -6.09 -1.87
C GLN A 293 -1.99 -7.43 -1.73
N ARG A 294 -2.54 -8.30 -0.90
CA ARG A 294 -1.93 -9.60 -0.62
C ARG A 294 -2.08 -10.59 -1.76
N GLY A 295 -3.21 -10.54 -2.45
CA GLY A 295 -3.57 -11.57 -3.41
C GLY A 295 -3.01 -11.38 -4.81
N THR A 296 -2.16 -10.38 -5.01
CA THR A 296 -1.62 -10.10 -6.33
C THR A 296 -0.59 -11.14 -6.75
N ALA A 297 -0.04 -11.86 -5.78
CA ALA A 297 0.98 -12.86 -6.04
C ALA A 297 0.37 -14.22 -6.32
N LYS A 298 -0.95 -14.30 -6.25
CA LYS A 298 -1.66 -15.55 -6.52
C LYS A 298 -2.15 -15.61 -7.96
N VAL A 299 -1.37 -16.26 -8.82
CA VAL A 299 -1.71 -16.39 -10.22
C VAL A 299 -1.92 -17.86 -10.60
N PRO A 300 -3.19 -18.25 -10.75
CA PRO A 300 -3.56 -19.65 -11.06
C PRO A 300 -2.86 -20.16 -12.31
N GLY A 301 -2.43 -21.41 -12.29
CA GLY A 301 -1.74 -22.01 -13.42
C GLY A 301 -0.28 -21.58 -13.50
N VAL A 302 0.18 -20.84 -12.50
CA VAL A 302 1.56 -20.38 -12.46
C VAL A 302 2.17 -20.57 -11.07
N THR A 303 1.44 -20.14 -10.05
CA THR A 303 1.95 -20.19 -8.67
C THR A 303 1.34 -21.31 -7.85
N ASP A 304 0.55 -22.17 -8.49
CA ASP A 304 -0.05 -23.30 -7.80
C ASP A 304 0.57 -24.64 -8.23
N ARG A 305 1.70 -24.56 -8.94
CA ARG A 305 2.31 -25.75 -9.54
C ARG A 305 3.32 -26.45 -8.62
N GLY A 306 3.69 -25.78 -7.54
CA GLY A 306 4.64 -26.33 -6.60
C GLY A 306 6.06 -25.85 -6.86
N LEU A 307 6.18 -24.84 -7.72
CA LEU A 307 7.49 -24.26 -8.02
C LEU A 307 8.00 -23.42 -6.85
N VAL A 308 9.28 -23.11 -6.87
CA VAL A 308 9.92 -22.34 -5.82
C VAL A 308 10.87 -21.34 -6.45
N PRO A 309 10.90 -20.11 -5.91
CA PRO A 309 11.75 -19.07 -6.49
C PRO A 309 13.22 -19.46 -6.48
N ARG A 310 13.91 -19.21 -7.58
CA ARG A 310 15.36 -19.40 -7.63
C ARG A 310 16.06 -18.23 -6.94
N LYS A 311 17.28 -18.48 -6.47
CA LYS A 311 18.07 -17.43 -5.85
C LYS A 311 18.83 -16.64 -6.92
N ILE A 312 18.46 -15.37 -7.08
CA ILE A 312 19.14 -14.48 -8.00
C ILE A 312 20.29 -13.77 -7.30
N LYS A 313 21.52 -14.08 -7.71
CA LYS A 313 22.70 -13.58 -7.01
C LYS A 313 23.39 -12.42 -7.72
N LYS A 314 23.02 -12.18 -8.97
CA LYS A 314 23.61 -11.09 -9.74
C LYS A 314 22.68 -10.63 -10.85
N VAL A 315 22.47 -9.32 -10.94
CA VAL A 315 21.56 -8.76 -11.94
C VAL A 315 22.27 -7.74 -12.84
N ALA A 316 21.94 -7.77 -14.12
CA ALA A 316 22.50 -6.81 -15.07
C ALA A 316 21.42 -5.84 -15.54
N ILE A 317 21.80 -4.57 -15.65
CA ILE A 317 20.86 -3.54 -16.10
C ILE A 317 21.41 -2.80 -17.31
N ILE A 318 20.90 -3.15 -18.50
CA ILE A 318 21.33 -2.50 -19.73
C ILE A 318 20.51 -1.23 -19.96
N GLY A 319 21.06 -0.09 -19.56
CA GLY A 319 20.37 1.17 -19.69
C GLY A 319 21.23 2.35 -19.33
N GLY A 320 21.39 2.60 -18.03
CA GLY A 320 22.19 3.72 -17.56
C GLY A 320 21.41 5.03 -17.61
N GLY A 321 20.34 5.05 -18.41
CA GLY A 321 19.51 6.22 -18.54
C GLY A 321 18.76 6.53 -17.26
N LEU A 322 17.63 7.23 -17.39
CA LEU A 322 16.85 7.62 -16.23
C LEU A 322 16.11 6.43 -15.63
N MET A 323 15.47 5.65 -16.48
CA MET A 323 14.71 4.50 -16.02
C MET A 323 15.64 3.38 -15.56
N GLY A 324 16.74 3.18 -16.28
CA GLY A 324 17.72 2.18 -15.92
C GLY A 324 18.36 2.45 -14.57
N SER A 325 18.89 3.67 -14.40
CA SER A 325 19.53 4.05 -13.16
C SER A 325 18.59 3.90 -11.97
N GLY A 326 17.30 4.03 -12.23
CA GLY A 326 16.29 3.86 -11.20
C GLY A 326 16.21 2.42 -10.73
N ILE A 327 16.13 1.49 -11.68
CA ILE A 327 16.09 0.07 -11.35
C ILE A 327 17.28 -0.32 -10.50
N ALA A 328 18.47 -0.03 -11.00
CA ALA A 328 19.71 -0.35 -10.31
C ALA A 328 19.65 0.10 -8.85
N THR A 329 19.13 1.30 -8.63
CA THR A 329 18.99 1.83 -7.28
C THR A 329 18.14 0.92 -6.40
N ALA A 330 16.97 0.55 -6.89
CA ALA A 330 16.07 -0.33 -6.16
C ALA A 330 16.72 -1.68 -5.84
N LEU A 331 17.51 -2.18 -6.78
CA LEU A 331 18.14 -3.49 -6.63
C LEU A 331 19.25 -3.52 -5.58
N ILE A 332 20.22 -2.61 -5.70
CA ILE A 332 21.32 -2.55 -4.74
C ILE A 332 20.84 -2.17 -3.34
N LEU A 333 19.75 -1.41 -3.29
CA LEU A 333 19.15 -1.05 -2.01
C LEU A 333 18.64 -2.29 -1.29
N SER A 334 18.55 -3.40 -2.02
CA SER A 334 18.14 -4.67 -1.45
C SER A 334 19.25 -5.71 -1.58
N ASN A 335 20.49 -5.27 -1.36
CA ASN A 335 21.68 -6.11 -1.52
C ASN A 335 21.66 -7.03 -2.74
N TYR A 336 21.45 -6.43 -3.91
CA TYR A 336 21.60 -7.14 -5.18
C TYR A 336 22.79 -6.61 -5.93
N PRO A 337 23.80 -7.48 -6.17
CA PRO A 337 24.94 -7.06 -6.99
C PRO A 337 24.47 -6.68 -8.40
N VAL A 338 24.58 -5.39 -8.74
CA VAL A 338 24.07 -4.91 -10.02
C VAL A 338 25.19 -4.39 -10.92
N ILE A 339 25.08 -4.70 -12.21
CA ILE A 339 26.07 -4.25 -13.18
C ILE A 339 25.42 -3.53 -14.36
N LEU A 340 25.79 -2.28 -14.56
CA LEU A 340 25.27 -1.49 -15.67
C LEU A 340 26.16 -1.59 -16.90
N LYS A 341 25.54 -1.79 -18.07
CA LYS A 341 26.26 -1.73 -19.33
C LYS A 341 25.78 -0.57 -20.17
N GLU A 342 26.73 0.19 -20.71
CA GLU A 342 26.42 1.32 -21.58
C GLU A 342 27.22 1.26 -22.87
N VAL A 343 26.93 2.18 -23.79
CA VAL A 343 27.65 2.26 -25.05
C VAL A 343 28.97 3.00 -24.87
N ASN A 344 28.89 4.31 -24.63
CA ASN A 344 30.07 5.13 -24.44
C ASN A 344 30.41 5.36 -22.98
N GLU A 345 31.65 5.73 -22.71
CA GLU A 345 32.11 5.98 -21.35
C GLU A 345 31.35 7.12 -20.68
N LYS A 346 30.90 8.08 -21.48
CA LYS A 346 30.15 9.23 -20.97
C LYS A 346 28.80 8.79 -20.42
N PHE A 347 28.05 8.06 -21.24
CA PHE A 347 26.73 7.59 -20.85
C PHE A 347 26.80 6.69 -19.62
N LEU A 348 27.87 5.91 -19.54
CA LEU A 348 28.08 5.03 -18.40
C LEU A 348 28.31 5.82 -17.13
N GLU A 349 29.33 6.67 -17.13
CA GLU A 349 29.65 7.51 -15.98
C GLU A 349 28.46 8.40 -15.62
N ALA A 350 27.60 8.64 -16.60
CA ALA A 350 26.39 9.44 -16.38
C ALA A 350 25.39 8.65 -15.55
N GLY A 351 25.10 7.43 -15.98
CA GLY A 351 24.17 6.56 -15.28
C GLY A 351 24.59 6.28 -13.85
N ILE A 352 25.86 5.88 -13.68
CA ILE A 352 26.40 5.63 -12.36
C ILE A 352 26.25 6.86 -11.47
N GLY A 353 26.30 8.04 -12.10
CA GLY A 353 26.16 9.29 -11.39
C GLY A 353 24.75 9.51 -10.86
N ARG A 354 23.76 9.21 -11.69
CA ARG A 354 22.36 9.35 -11.28
C ARG A 354 22.08 8.47 -10.07
N VAL A 355 22.63 7.25 -10.10
CA VAL A 355 22.44 6.31 -9.00
C VAL A 355 22.93 6.91 -7.69
N LYS A 356 24.21 7.29 -7.65
CA LYS A 356 24.79 7.91 -6.46
C LYS A 356 23.95 9.09 -5.99
N ALA A 357 23.46 9.88 -6.95
CA ALA A 357 22.63 11.03 -6.64
C ALA A 357 21.34 10.61 -5.96
N ASN A 358 20.78 9.49 -6.38
CA ASN A 358 19.56 8.96 -5.79
C ASN A 358 19.77 8.49 -4.35
N LEU A 359 20.98 8.01 -4.06
CA LEU A 359 21.31 7.53 -2.72
C LEU A 359 21.71 8.68 -1.80
N GLN A 360 22.45 9.65 -2.34
CA GLN A 360 22.87 10.81 -1.56
C GLN A 360 21.66 11.66 -1.16
N SER A 361 20.61 11.60 -1.95
CA SER A 361 19.39 12.35 -1.68
C SER A 361 18.74 11.91 -0.36
N ARG A 362 18.59 10.60 -0.18
CA ARG A 362 17.98 10.06 1.02
C ARG A 362 18.98 9.93 2.18
N VAL A 363 20.13 10.58 2.03
CA VAL A 363 21.10 10.65 3.11
C VAL A 363 20.86 11.92 3.92
N ARG A 364 20.36 12.95 3.24
CA ARG A 364 20.04 14.21 3.89
C ARG A 364 18.63 14.19 4.44
N SER A 369 21.95 6.19 6.58
CA SER A 369 23.27 6.18 7.19
C SER A 369 24.35 6.61 6.20
N GLN A 370 25.58 6.74 6.67
CA GLN A 370 26.70 7.11 5.80
C GLN A 370 27.40 5.86 5.27
N GLU A 371 27.93 5.05 6.19
CA GLU A 371 28.60 3.82 5.80
C GLU A 371 27.63 2.90 5.09
N LYS A 372 26.33 3.19 5.24
CA LYS A 372 25.30 2.44 4.54
C LYS A 372 25.33 2.78 3.06
N PHE A 373 25.06 4.04 2.73
CA PHE A 373 25.03 4.47 1.34
C PHE A 373 26.45 4.73 0.81
N GLU A 374 27.38 3.91 1.29
CA GLU A 374 28.75 3.92 0.79
C GLU A 374 29.14 2.48 0.46
N LYS A 375 28.55 1.55 1.21
CA LYS A 375 28.77 0.12 0.97
C LYS A 375 27.87 -0.38 -0.15
N THR A 376 26.66 0.16 -0.22
CA THR A 376 25.73 -0.24 -1.26
C THR A 376 26.18 0.24 -2.63
N MET A 377 27.18 1.12 -2.65
CA MET A 377 27.74 1.61 -3.90
C MET A 377 28.80 0.66 -4.45
N SER A 378 29.20 -0.31 -3.64
CA SER A 378 30.15 -1.32 -4.07
C SER A 378 29.42 -2.40 -4.85
N LEU A 379 28.14 -2.57 -4.54
CA LEU A 379 27.31 -3.55 -5.24
C LEU A 379 27.15 -3.17 -6.71
N LEU A 380 27.15 -1.87 -6.96
CA LEU A 380 27.00 -1.36 -8.33
C LEU A 380 28.35 -1.34 -9.04
N LYS A 381 28.46 -2.13 -10.11
CA LYS A 381 29.68 -2.18 -10.90
C LYS A 381 29.39 -1.89 -12.36
N GLY A 382 30.10 -0.92 -12.93
CA GLY A 382 29.88 -0.51 -14.31
C GLY A 382 30.60 -1.39 -15.30
N SER A 383 30.25 -1.24 -16.58
CA SER A 383 30.86 -2.01 -17.64
C SER A 383 30.39 -1.55 -19.02
N LEU A 384 31.29 -1.61 -19.99
CA LEU A 384 30.95 -1.30 -21.38
C LEU A 384 31.09 -2.55 -22.22
N ASP A 385 31.03 -3.71 -21.57
CA ASP A 385 31.24 -4.99 -22.24
C ASP A 385 30.18 -6.01 -21.83
N TYR A 386 30.17 -7.16 -22.50
CA TYR A 386 29.20 -8.21 -22.21
C TYR A 386 29.85 -9.40 -21.50
N GLU A 387 31.18 -9.47 -21.52
CA GLU A 387 31.89 -10.60 -20.92
C GLU A 387 31.62 -10.74 -19.43
N SER A 388 31.05 -9.70 -18.83
CA SER A 388 30.72 -9.71 -17.42
C SER A 388 29.29 -10.21 -17.20
N PHE A 389 28.69 -10.76 -18.26
CA PHE A 389 27.33 -11.28 -18.19
C PHE A 389 27.34 -12.80 -18.06
N ARG A 390 28.54 -13.39 -18.10
CA ARG A 390 28.69 -14.84 -18.01
C ARG A 390 28.30 -15.35 -16.63
N ASP A 391 27.95 -14.43 -15.73
CA ASP A 391 27.68 -14.78 -14.35
C ASP A 391 26.32 -14.27 -13.89
N VAL A 392 25.64 -13.52 -14.75
CA VAL A 392 24.40 -12.86 -14.38
C VAL A 392 23.20 -13.82 -14.34
N ASP A 393 22.37 -13.67 -13.31
CA ASP A 393 21.21 -14.52 -13.12
C ASP A 393 19.93 -13.91 -13.68
N MET A 394 19.96 -12.59 -13.90
CA MET A 394 18.82 -11.89 -14.48
C MET A 394 19.22 -10.57 -15.11
N VAL A 395 18.69 -10.31 -16.31
CA VAL A 395 18.97 -9.08 -17.03
C VAL A 395 17.70 -8.25 -17.21
N ILE A 396 17.82 -6.94 -17.02
CA ILE A 396 16.71 -6.03 -17.27
C ILE A 396 17.17 -4.95 -18.25
N GLU A 397 16.57 -4.93 -19.43
CA GLU A 397 16.91 -3.93 -20.44
C GLU A 397 16.02 -2.70 -20.33
N ALA A 398 16.64 -1.53 -20.19
CA ALA A 398 15.92 -0.27 -20.08
C ALA A 398 16.43 0.76 -21.07
N VAL A 399 16.47 0.37 -22.34
CA VAL A 399 16.94 1.25 -23.40
C VAL A 399 15.77 1.96 -24.07
N ILE A 400 16.06 3.02 -24.82
CA ILE A 400 15.03 3.75 -25.56
C ILE A 400 14.06 2.80 -26.25
N GLU A 401 12.84 3.27 -26.48
CA GLU A 401 11.80 2.46 -27.10
C GLU A 401 12.03 2.29 -28.60
N ASN A 402 13.13 1.61 -28.94
CA ASN A 402 13.46 1.33 -30.33
C ASN A 402 13.52 -0.18 -30.58
N ILE A 403 12.60 -0.67 -31.40
CA ILE A 403 12.49 -2.10 -31.67
C ILE A 403 13.78 -2.67 -32.25
N SER A 404 14.25 -2.08 -33.35
CA SER A 404 15.47 -2.52 -34.01
C SER A 404 16.60 -2.71 -33.00
N LEU A 405 16.74 -1.76 -32.08
CA LEU A 405 17.80 -1.78 -31.08
C LEU A 405 17.57 -2.83 -29.99
N LYS A 406 16.33 -2.94 -29.52
CA LYS A 406 15.99 -3.92 -28.49
C LYS A 406 16.19 -5.35 -28.99
N GLN A 407 15.72 -5.64 -30.19
CA GLN A 407 15.87 -6.95 -30.79
C GLN A 407 17.35 -7.37 -30.78
N GLN A 408 18.23 -6.40 -31.00
CA GLN A 408 19.66 -6.65 -31.06
C GLN A 408 20.24 -6.94 -29.66
N ILE A 409 19.75 -6.21 -28.67
CA ILE A 409 20.22 -6.39 -27.30
C ILE A 409 19.91 -7.80 -26.79
N PHE A 410 18.73 -8.30 -27.14
CA PHE A 410 18.32 -9.65 -26.72
C PHE A 410 19.04 -10.74 -27.50
N ALA A 411 19.52 -10.40 -28.69
CA ALA A 411 20.36 -11.32 -29.46
C ALA A 411 21.68 -11.50 -28.72
N ASP A 412 22.29 -10.39 -28.30
CA ASP A 412 23.54 -10.43 -27.56
C ASP A 412 23.33 -11.06 -26.18
N LEU A 413 22.23 -10.70 -25.53
CA LEU A 413 21.90 -11.27 -24.23
C LEU A 413 21.91 -12.79 -24.29
N GLU A 414 21.12 -13.34 -25.20
CA GLU A 414 21.04 -14.78 -25.39
C GLU A 414 22.42 -15.38 -25.67
N LYS A 415 23.31 -14.57 -26.22
CA LYS A 415 24.64 -15.03 -26.58
C LYS A 415 25.61 -15.07 -25.39
N TYR A 416 25.72 -13.94 -24.69
CA TYR A 416 26.72 -13.81 -23.62
C TYR A 416 26.22 -14.24 -22.24
N CYS A 417 24.92 -14.49 -22.12
CA CYS A 417 24.34 -14.86 -20.83
C CYS A 417 24.30 -16.38 -20.63
N PRO A 418 24.20 -16.81 -19.36
CA PRO A 418 23.97 -18.22 -19.01
C PRO A 418 22.60 -18.68 -19.49
N GLN A 419 22.44 -19.98 -19.67
CA GLN A 419 21.22 -20.54 -20.25
C GLN A 419 20.00 -20.38 -19.34
N HIS A 420 20.25 -20.13 -18.06
CA HIS A 420 19.18 -20.02 -17.07
C HIS A 420 18.80 -18.57 -16.83
N CYS A 421 19.63 -17.66 -17.31
CA CYS A 421 19.47 -16.23 -17.03
C CYS A 421 18.14 -15.69 -17.56
N ILE A 422 17.46 -14.91 -16.73
CA ILE A 422 16.17 -14.31 -17.10
C ILE A 422 16.36 -13.12 -18.03
N LEU A 423 15.64 -13.11 -19.15
CA LEU A 423 15.76 -12.05 -20.14
C LEU A 423 14.60 -11.07 -20.04
N ALA A 424 14.64 -10.23 -19.00
CA ALA A 424 13.55 -9.31 -18.71
C ALA A 424 13.75 -7.95 -19.39
N SER A 425 12.63 -7.31 -19.73
CA SER A 425 12.67 -6.00 -20.36
C SER A 425 11.76 -5.00 -19.65
N ASN A 426 12.22 -3.77 -19.55
CA ASN A 426 11.46 -2.69 -18.94
C ASN A 426 10.66 -1.91 -19.99
N THR A 427 10.55 -2.50 -21.17
CA THR A 427 9.83 -1.87 -22.28
C THR A 427 8.43 -1.45 -21.86
N SER A 428 7.90 -0.42 -22.51
CA SER A 428 6.61 0.14 -22.15
C SER A 428 5.66 0.22 -23.33
N THR A 429 6.22 0.32 -24.53
CA THR A 429 5.42 0.54 -25.73
C THR A 429 5.69 -0.50 -26.82
N ILE A 430 6.55 -1.46 -26.52
CA ILE A 430 6.94 -2.45 -27.52
C ILE A 430 6.52 -3.87 -27.14
N ASP A 431 5.95 -4.59 -28.09
CA ASP A 431 5.51 -5.97 -27.91
C ASP A 431 6.68 -6.87 -27.53
N LEU A 432 6.59 -7.48 -26.35
CA LEU A 432 7.64 -8.37 -25.86
C LEU A 432 8.00 -9.48 -26.84
N ASN A 433 7.02 -9.95 -27.61
CA ASN A 433 7.26 -11.03 -28.56
C ASN A 433 8.16 -10.64 -29.73
N LYS A 434 8.17 -9.36 -30.06
CA LYS A 434 9.00 -8.87 -31.16
C LYS A 434 10.43 -8.60 -30.71
N ILE A 435 10.60 -8.33 -29.42
CA ILE A 435 11.93 -8.08 -28.87
C ILE A 435 12.80 -9.35 -28.93
N GLY A 436 12.19 -10.48 -28.62
CA GLY A 436 12.91 -11.75 -28.63
C GLY A 436 12.83 -12.46 -29.97
N GLU A 437 12.59 -11.70 -31.03
CA GLU A 437 12.45 -12.27 -32.37
C GLU A 437 13.70 -13.02 -32.81
N ARG A 438 14.87 -12.42 -32.61
CA ARG A 438 16.12 -12.98 -33.11
C ARG A 438 16.70 -14.08 -32.21
N THR A 439 15.96 -14.47 -31.18
CA THR A 439 16.43 -15.49 -30.26
C THR A 439 15.51 -16.70 -30.25
N LYS A 440 15.91 -17.73 -29.50
CA LYS A 440 15.08 -18.90 -29.28
C LYS A 440 14.86 -19.08 -27.80
N SER A 441 14.81 -17.96 -27.08
CA SER A 441 14.70 -17.98 -25.62
C SER A 441 13.37 -17.37 -25.18
N GLN A 442 12.31 -17.64 -25.92
CA GLN A 442 11.00 -17.06 -25.64
C GLN A 442 10.49 -17.41 -24.24
N ASP A 443 10.97 -18.53 -23.70
CA ASP A 443 10.55 -18.95 -22.37
C ASP A 443 11.23 -18.14 -21.28
N ARG A 444 12.34 -17.49 -21.64
CA ARG A 444 13.13 -16.74 -20.67
C ARG A 444 12.83 -15.24 -20.72
N ILE A 445 12.08 -14.82 -21.73
CA ILE A 445 11.80 -13.40 -21.92
C ILE A 445 10.52 -12.98 -21.22
N VAL A 446 10.64 -12.01 -20.31
CA VAL A 446 9.52 -11.53 -19.51
C VAL A 446 9.56 -10.01 -19.39
N GLY A 447 8.44 -9.42 -18.99
CA GLY A 447 8.36 -7.97 -18.83
C GLY A 447 8.43 -7.52 -17.39
N ALA A 448 9.48 -6.78 -17.06
CA ALA A 448 9.62 -6.19 -15.73
C ALA A 448 9.36 -4.68 -15.84
N HIS A 449 8.09 -4.30 -15.75
CA HIS A 449 7.69 -2.94 -16.00
C HIS A 449 7.66 -2.09 -14.73
N PHE A 450 8.52 -1.08 -14.67
CA PHE A 450 8.58 -0.19 -13.52
C PHE A 450 7.98 1.17 -13.86
N PHE A 451 7.63 1.92 -12.82
CA PHE A 451 7.12 3.28 -13.00
C PHE A 451 8.06 4.27 -12.36
N SER A 452 8.47 5.28 -13.11
CA SER A 452 9.38 6.30 -12.61
C SER A 452 8.70 7.15 -11.54
N PRO A 453 9.43 7.45 -10.44
CA PRO A 453 10.79 6.98 -10.17
C PRO A 453 10.82 5.51 -9.78
N ALA A 454 11.69 4.75 -10.43
CA ALA A 454 11.76 3.30 -10.23
C ALA A 454 11.98 2.88 -8.77
N HIS A 455 12.64 3.73 -8.00
CA HIS A 455 12.98 3.38 -6.63
C HIS A 455 11.98 3.89 -5.59
N ILE A 456 10.93 4.57 -6.05
CA ILE A 456 9.91 5.08 -5.16
C ILE A 456 8.54 4.45 -5.44
N MET A 457 8.17 4.41 -6.72
CA MET A 457 6.89 3.84 -7.12
C MET A 457 6.82 2.38 -6.68
N PRO A 458 5.80 2.04 -5.88
CA PRO A 458 5.68 0.75 -5.20
C PRO A 458 5.26 -0.38 -6.15
N LEU A 459 4.70 -0.03 -7.30
CA LEU A 459 4.14 -1.02 -8.20
C LEU A 459 5.17 -1.60 -9.15
N LEU A 460 4.97 -2.87 -9.52
CA LEU A 460 5.78 -3.53 -10.52
C LEU A 460 4.88 -4.40 -11.39
N GLU A 461 4.88 -4.12 -12.69
CA GLU A 461 4.11 -4.94 -13.62
C GLU A 461 4.98 -6.06 -14.19
N ILE A 462 4.67 -7.30 -13.82
CA ILE A 462 5.31 -8.45 -14.41
C ILE A 462 4.51 -8.87 -15.64
N VAL A 463 5.04 -8.56 -16.82
CA VAL A 463 4.35 -8.85 -18.07
C VAL A 463 4.73 -10.21 -18.63
N ARG A 464 3.80 -11.15 -18.59
CA ARG A 464 4.03 -12.49 -19.11
C ARG A 464 3.58 -12.57 -20.56
N THR A 465 4.16 -13.50 -21.31
CA THR A 465 3.71 -13.76 -22.67
C THR A 465 3.06 -15.14 -22.69
N ASN A 466 2.72 -15.61 -23.88
CA ASN A 466 2.23 -16.97 -24.06
C ASN A 466 3.37 -17.96 -23.84
N HIS A 467 4.60 -17.44 -23.91
CA HIS A 467 5.78 -18.29 -23.85
C HIS A 467 6.52 -18.20 -22.52
N THR A 468 6.38 -17.08 -21.82
CA THR A 468 7.03 -16.91 -20.53
C THR A 468 6.76 -18.13 -19.66
N SER A 469 7.84 -18.76 -19.19
CA SER A 469 7.71 -19.94 -18.35
C SER A 469 7.27 -19.58 -16.93
N ALA A 470 6.42 -20.42 -16.35
CA ALA A 470 5.93 -20.19 -15.00
C ALA A 470 7.08 -19.95 -14.02
N GLN A 471 8.15 -20.71 -14.17
CA GLN A 471 9.27 -20.63 -13.23
C GLN A 471 9.94 -19.26 -13.25
N VAL A 472 9.97 -18.63 -14.43
CA VAL A 472 10.53 -17.29 -14.54
C VAL A 472 9.62 -16.26 -13.84
N ILE A 473 8.32 -16.44 -13.99
CA ILE A 473 7.35 -15.57 -13.35
C ILE A 473 7.44 -15.70 -11.82
N VAL A 474 7.48 -16.94 -11.35
CA VAL A 474 7.64 -17.20 -9.92
C VAL A 474 8.93 -16.57 -9.40
N ASP A 475 9.97 -16.57 -10.22
CA ASP A 475 11.23 -15.95 -9.85
C ASP A 475 11.08 -14.45 -9.69
N LEU A 476 10.60 -13.80 -10.74
CA LEU A 476 10.42 -12.35 -10.75
C LEU A 476 9.42 -11.92 -9.69
N LEU A 477 8.34 -12.66 -9.57
CA LEU A 477 7.32 -12.42 -8.55
C LEU A 477 7.97 -12.31 -7.17
N ASP A 478 9.03 -13.10 -6.97
CA ASP A 478 9.72 -13.13 -5.68
C ASP A 478 10.71 -11.99 -5.54
N VAL A 479 11.37 -11.64 -6.65
CA VAL A 479 12.30 -10.51 -6.64
C VAL A 479 11.56 -9.21 -6.32
N GLY A 480 10.37 -9.06 -6.91
CA GLY A 480 9.54 -7.90 -6.65
C GLY A 480 9.29 -7.71 -5.17
N LYS A 481 8.96 -8.81 -4.49
CA LYS A 481 8.71 -8.76 -3.06
C LYS A 481 9.99 -8.41 -2.30
N LYS A 482 11.12 -8.93 -2.77
CA LYS A 482 12.41 -8.68 -2.13
C LYS A 482 12.78 -7.20 -2.15
N ILE A 483 12.31 -6.48 -3.16
CA ILE A 483 12.62 -5.06 -3.30
C ILE A 483 11.43 -4.17 -2.93
N LYS A 484 10.67 -4.61 -1.93
CA LYS A 484 9.59 -3.81 -1.36
C LYS A 484 8.62 -3.26 -2.41
N LYS A 485 8.39 -4.05 -3.46
CA LYS A 485 7.44 -3.68 -4.49
C LYS A 485 6.19 -4.54 -4.36
N THR A 486 5.09 -4.06 -4.94
CA THR A 486 3.86 -4.85 -5.03
C THR A 486 3.63 -5.26 -6.47
N PRO A 487 3.87 -6.55 -6.76
CA PRO A 487 3.82 -7.08 -8.12
C PRO A 487 2.41 -7.47 -8.55
N VAL A 488 2.05 -7.14 -9.78
CA VAL A 488 0.90 -7.73 -10.42
C VAL A 488 1.37 -8.41 -11.71
N VAL A 489 0.85 -9.61 -11.97
CA VAL A 489 1.22 -10.34 -13.18
C VAL A 489 0.22 -10.10 -14.29
N VAL A 490 0.61 -9.29 -15.27
CA VAL A 490 -0.30 -8.92 -16.35
C VAL A 490 0.13 -9.55 -17.67
N GLY A 491 -0.78 -9.57 -18.64
CA GLY A 491 -0.53 -10.19 -19.93
C GLY A 491 0.04 -9.22 -20.94
N ASN A 492 0.59 -9.76 -22.02
CA ASN A 492 1.21 -8.93 -23.06
C ASN A 492 0.17 -8.34 -24.00
N CYS A 493 0.05 -7.02 -23.97
CA CYS A 493 -0.85 -6.30 -24.85
C CYS A 493 -0.53 -4.81 -24.79
N THR A 494 -1.15 -4.05 -25.68
CA THR A 494 -0.94 -2.60 -25.72
C THR A 494 -1.15 -1.94 -24.35
N GLY A 495 -0.07 -1.49 -23.74
CA GLY A 495 -0.14 -0.78 -22.47
C GLY A 495 -0.38 -1.67 -21.27
N PHE A 496 -0.22 -2.97 -21.46
CA PHE A 496 -0.40 -3.95 -20.38
C PHE A 496 -1.69 -3.69 -19.58
N ALA A 497 -1.54 -3.31 -18.32
CA ALA A 497 -2.70 -3.07 -17.45
C ALA A 497 -2.83 -1.62 -17.02
N VAL A 498 -1.80 -1.10 -16.35
CA VAL A 498 -1.86 0.24 -15.76
C VAL A 498 -2.06 1.35 -16.79
N ASN A 499 -1.13 1.47 -17.72
CA ASN A 499 -1.20 2.52 -18.73
C ASN A 499 -2.39 2.39 -19.67
N ARG A 500 -2.71 1.15 -20.07
CA ARG A 500 -3.87 0.92 -20.92
C ARG A 500 -5.16 1.29 -20.20
N MET A 501 -5.16 1.08 -18.88
CA MET A 501 -6.33 1.32 -18.05
C MET A 501 -6.69 2.81 -18.03
N PHE A 502 -5.68 3.65 -17.88
CA PHE A 502 -5.89 5.08 -17.66
C PHE A 502 -5.65 5.94 -18.91
N PHE A 503 -5.50 5.32 -20.07
CA PHE A 503 -5.29 6.10 -21.28
C PHE A 503 -6.54 6.90 -21.68
N PRO A 504 -7.74 6.34 -21.44
CA PRO A 504 -8.98 7.09 -21.71
C PRO A 504 -9.14 8.29 -20.78
N TYR A 505 -8.64 8.14 -19.55
CA TYR A 505 -8.66 9.18 -18.53
C TYR A 505 -8.32 10.56 -19.11
N THR A 506 -7.10 10.70 -19.61
CA THR A 506 -6.62 11.96 -20.15
C THR A 506 -7.37 12.40 -21.42
N GLN A 507 -7.74 11.45 -22.26
CA GLN A 507 -8.41 11.77 -23.51
C GLN A 507 -9.84 12.23 -23.28
N ALA A 508 -10.52 11.62 -22.32
CA ALA A 508 -11.89 12.01 -21.98
C ALA A 508 -11.89 13.43 -21.46
N ALA A 509 -10.88 13.76 -20.65
CA ALA A 509 -10.74 15.09 -20.10
C ALA A 509 -10.56 16.12 -21.22
N MET A 510 -9.59 15.88 -22.10
CA MET A 510 -9.27 16.82 -23.16
C MET A 510 -10.43 16.99 -24.16
N PHE A 511 -11.19 15.93 -24.38
CA PHE A 511 -12.36 16.03 -25.24
C PHE A 511 -13.38 16.97 -24.63
N LEU A 512 -13.53 16.89 -23.31
CA LEU A 512 -14.44 17.77 -22.59
C LEU A 512 -13.98 19.22 -22.71
N VAL A 513 -12.67 19.43 -22.65
CA VAL A 513 -12.10 20.76 -22.77
C VAL A 513 -12.36 21.37 -24.14
N GLU A 514 -12.11 20.58 -25.19
CA GLU A 514 -12.38 21.03 -26.55
C GLU A 514 -13.86 21.33 -26.72
N CYS A 515 -14.67 20.82 -25.81
CA CYS A 515 -16.12 21.03 -25.85
C CYS A 515 -16.53 22.23 -25.00
N GLY A 516 -15.56 22.87 -24.36
CA GLY A 516 -15.81 24.07 -23.59
C GLY A 516 -15.56 23.95 -22.09
N ALA A 517 -15.48 22.71 -21.62
CA ALA A 517 -15.28 22.47 -20.19
C ALA A 517 -14.00 23.11 -19.66
N ASP A 518 -14.12 23.90 -18.60
CA ASP A 518 -12.97 24.53 -17.97
C ASP A 518 -12.03 23.48 -17.39
N PRO A 519 -10.78 23.43 -17.88
CA PRO A 519 -9.79 22.42 -17.49
C PRO A 519 -9.50 22.44 -16.00
N TYR A 520 -9.40 23.64 -15.42
CA TYR A 520 -9.05 23.79 -14.02
C TYR A 520 -10.16 23.31 -13.10
N LEU A 521 -11.41 23.42 -13.56
CA LEU A 521 -12.54 22.84 -12.84
C LEU A 521 -12.41 21.32 -12.84
N ILE A 522 -12.06 20.77 -14.00
CA ILE A 522 -11.84 19.33 -14.14
C ILE A 522 -10.84 18.84 -13.09
N ASP A 523 -9.68 19.47 -13.05
CA ASP A 523 -8.62 19.09 -12.12
C ASP A 523 -9.08 19.18 -10.66
N ARG A 524 -9.77 20.26 -10.33
CA ARG A 524 -10.21 20.47 -8.96
C ARG A 524 -11.26 19.44 -8.54
N ALA A 525 -12.16 19.11 -9.47
CA ALA A 525 -13.22 18.14 -9.19
C ALA A 525 -12.61 16.77 -8.92
N ILE A 526 -11.55 16.45 -9.66
CA ILE A 526 -10.95 15.13 -9.61
C ILE A 526 -9.87 15.00 -8.54
N SER A 527 -9.20 16.10 -8.24
CA SER A 527 -8.20 16.12 -7.17
C SER A 527 -8.88 15.99 -5.82
N LYS A 528 -10.14 16.41 -5.78
CA LYS A 528 -10.93 16.32 -4.56
C LYS A 528 -11.59 14.95 -4.48
N PHE A 529 -11.81 14.34 -5.64
CA PHE A 529 -12.38 13.01 -5.73
C PHE A 529 -11.53 12.00 -4.98
N GLY A 530 -10.23 12.26 -4.92
CA GLY A 530 -9.31 11.38 -4.21
C GLY A 530 -7.96 11.26 -4.90
N MET A 531 -7.93 11.58 -6.19
CA MET A 531 -6.68 11.59 -6.94
C MET A 531 -5.72 12.60 -6.34
N PRO A 532 -4.41 12.33 -6.44
CA PRO A 532 -3.39 13.23 -5.91
C PRO A 532 -3.18 14.41 -6.83
N MET A 533 -3.87 14.41 -7.97
CA MET A 533 -3.61 15.35 -9.03
C MET A 533 -4.78 15.40 -9.99
N GLY A 534 -4.82 16.43 -10.83
CA GLY A 534 -5.84 16.52 -11.86
C GLY A 534 -5.30 15.97 -13.16
N PRO A 535 -6.19 15.60 -14.08
CA PRO A 535 -5.80 15.05 -15.39
C PRO A 535 -4.75 15.91 -16.07
N PHE A 536 -5.03 17.20 -16.20
CA PHE A 536 -4.11 18.11 -16.87
C PHE A 536 -2.92 18.42 -15.97
N ARG A 537 -3.19 18.66 -14.69
CA ARG A 537 -2.14 18.93 -13.71
C ARG A 537 -1.11 17.80 -13.70
N LEU A 538 -1.59 16.57 -13.78
CA LEU A 538 -0.72 15.39 -13.84
C LEU A 538 -0.08 15.27 -15.21
N CYS A 539 -0.78 15.72 -16.23
CA CYS A 539 -0.27 15.67 -17.60
C CYS A 539 0.96 16.55 -17.76
N ASP A 540 0.99 17.66 -17.03
CA ASP A 540 2.13 18.57 -17.07
C ASP A 540 3.30 18.01 -16.27
N LEU A 541 2.98 17.30 -15.19
CA LEU A 541 4.01 16.71 -14.33
C LEU A 541 4.77 15.60 -15.05
N VAL A 542 4.04 14.76 -15.75
CA VAL A 542 4.64 13.65 -16.50
C VAL A 542 5.54 14.17 -17.61
N GLY A 543 5.23 15.37 -18.11
CA GLY A 543 5.97 15.95 -19.21
C GLY A 543 5.27 15.70 -20.52
N PHE A 544 4.88 16.77 -21.20
CA PHE A 544 4.16 16.66 -22.46
C PHE A 544 4.80 15.65 -23.41
N GLY A 545 6.12 15.64 -23.45
CA GLY A 545 6.85 14.74 -24.32
C GLY A 545 6.60 13.28 -23.99
N VAL A 546 6.47 12.98 -22.70
CA VAL A 546 6.23 11.62 -22.24
C VAL A 546 4.77 11.22 -22.40
N ALA A 547 3.88 12.08 -21.90
CA ALA A 547 2.45 11.83 -21.95
C ALA A 547 1.97 11.59 -23.38
N ILE A 548 2.57 12.32 -24.32
CA ILE A 548 2.18 12.21 -25.72
C ILE A 548 2.83 11.02 -26.39
N ALA A 549 3.96 10.58 -25.83
CA ALA A 549 4.68 9.44 -26.39
C ALA A 549 4.05 8.12 -25.98
N THR A 550 3.49 8.08 -24.77
CA THR A 550 2.86 6.88 -24.25
C THR A 550 1.42 6.74 -24.74
N ALA A 551 0.85 7.85 -25.20
CA ALA A 551 -0.51 7.84 -25.71
C ALA A 551 -0.55 7.36 -27.16
N THR A 552 0.52 7.61 -27.89
CA THR A 552 0.63 7.21 -29.28
C THR A 552 0.33 5.72 -29.44
N GLN A 553 0.84 4.93 -28.51
CA GLN A 553 0.66 3.49 -28.53
C GLN A 553 -0.81 3.09 -28.71
N PHE A 554 -1.70 3.77 -28.01
CA PHE A 554 -3.11 3.43 -28.02
C PHE A 554 -3.86 4.02 -29.22
N ILE A 555 -3.41 5.19 -29.66
CA ILE A 555 -4.00 5.83 -30.84
C ILE A 555 -3.88 4.92 -32.06
N GLU A 556 -2.82 4.12 -32.10
CA GLU A 556 -2.53 3.29 -33.26
C GLU A 556 -3.11 1.88 -33.17
N ASN A 557 -3.40 1.44 -31.94
CA ASN A 557 -3.93 0.09 -31.74
C ASN A 557 -5.41 0.06 -31.36
N PHE A 558 -5.93 1.20 -30.93
CA PHE A 558 -7.35 1.32 -30.59
C PHE A 558 -7.93 2.62 -31.15
N SER A 559 -7.66 2.90 -32.42
CA SER A 559 -8.07 4.15 -33.04
C SER A 559 -9.53 4.51 -32.82
N GLU A 560 -10.43 3.55 -32.99
CA GLU A 560 -11.86 3.80 -32.89
C GLU A 560 -12.33 3.97 -31.45
N ARG A 561 -11.39 4.10 -30.53
CA ARG A 561 -11.70 4.24 -29.11
C ARG A 561 -10.87 5.34 -28.46
N THR A 562 -10.12 6.06 -29.27
CA THR A 562 -9.22 7.08 -28.77
C THR A 562 -9.48 8.45 -29.39
N TYR A 563 -9.00 9.50 -28.73
CA TYR A 563 -9.12 10.85 -29.25
C TYR A 563 -7.80 11.59 -29.18
N LYS A 564 -7.23 11.87 -30.35
CA LYS A 564 -5.96 12.59 -30.44
C LYS A 564 -6.18 14.09 -30.42
N SER A 565 -6.19 14.66 -29.22
CA SER A 565 -6.36 16.09 -29.05
C SER A 565 -5.08 16.83 -29.46
N MET A 566 -5.22 17.79 -30.36
CA MET A 566 -4.07 18.53 -30.86
C MET A 566 -3.60 19.58 -29.87
N ILE A 567 -4.26 19.63 -28.72
CA ILE A 567 -3.93 20.62 -27.68
C ILE A 567 -2.46 20.57 -27.29
N ILE A 568 -2.01 19.42 -26.80
CA ILE A 568 -0.62 19.28 -26.37
C ILE A 568 0.39 19.60 -27.46
N PRO A 569 0.26 18.97 -28.64
CA PRO A 569 1.21 19.22 -29.73
C PRO A 569 1.35 20.72 -30.04
N LEU A 570 0.22 21.41 -30.14
CA LEU A 570 0.23 22.85 -30.44
C LEU A 570 1.00 23.63 -29.39
N MET A 571 1.01 23.12 -28.15
CA MET A 571 1.73 23.78 -27.07
C MET A 571 3.22 23.49 -27.17
N GLN A 572 3.55 22.26 -27.57
CA GLN A 572 4.94 21.85 -27.70
C GLN A 572 5.66 22.64 -28.79
N GLU A 573 4.98 22.83 -29.92
CA GLU A 573 5.57 23.56 -31.05
C GLU A 573 5.82 25.02 -30.69
N ASP A 574 5.20 25.48 -29.61
CA ASP A 574 5.44 26.83 -29.09
C ASP A 574 6.22 26.78 -27.79
N LYS A 575 6.88 25.65 -27.55
CA LYS A 575 7.64 25.46 -26.31
C LYS A 575 6.77 24.86 -25.23
N ASP A 597 4.67 25.38 -7.44
CA ASP A 597 4.11 26.73 -7.39
C ASP A 597 3.51 27.12 -8.73
N PRO A 598 2.52 26.34 -9.20
CA PRO A 598 1.85 26.59 -10.47
C PRO A 598 0.50 27.26 -10.30
N GLU A 599 0.14 28.13 -11.23
CA GLU A 599 -1.15 28.82 -11.19
C GLU A 599 -1.80 28.84 -12.57
N LEU A 600 -3.06 29.26 -12.61
CA LEU A 600 -3.81 29.32 -13.86
C LEU A 600 -3.05 30.09 -14.94
N LYS A 601 -3.27 29.71 -16.20
CA LYS A 601 -2.60 30.35 -17.33
C LYS A 601 -3.62 31.05 -18.22
N LYS A 602 -3.54 32.38 -18.28
CA LYS A 602 -4.45 33.17 -19.07
C LYS A 602 -4.20 33.04 -20.57
N TYR A 603 -3.22 32.21 -20.93
CA TYR A 603 -2.85 32.02 -22.32
C TYR A 603 -3.17 30.59 -22.79
N ILE A 604 -4.01 29.90 -22.04
CA ILE A 604 -4.40 28.53 -22.38
C ILE A 604 -5.65 28.50 -23.23
N GLU A 605 -6.56 29.44 -22.99
CA GLU A 605 -7.82 29.53 -23.73
C GLU A 605 -7.59 29.56 -25.24
N LYS A 606 -6.60 30.33 -25.66
CA LYS A 606 -6.29 30.47 -27.08
C LYS A 606 -5.69 29.19 -27.66
N ALA A 607 -5.14 28.34 -26.80
CA ALA A 607 -4.50 27.11 -27.23
C ALA A 607 -5.53 26.03 -27.57
N ARG A 608 -6.52 25.87 -26.69
CA ARG A 608 -7.58 24.89 -26.91
C ARG A 608 -8.42 25.25 -28.13
N SER A 609 -8.71 26.54 -28.29
CA SER A 609 -9.49 27.02 -29.42
C SER A 609 -8.85 26.61 -30.75
N ILE A 610 -7.53 26.77 -30.84
CA ILE A 610 -6.80 26.44 -32.06
C ILE A 610 -6.97 24.98 -32.45
N SER A 611 -7.10 24.11 -31.44
CA SER A 611 -7.32 22.69 -31.68
C SER A 611 -8.79 22.41 -31.96
N GLY A 612 -9.52 23.45 -32.34
CA GLY A 612 -10.94 23.34 -32.61
C GLY A 612 -11.27 22.46 -33.80
N VAL A 613 -11.46 21.18 -33.55
CA VAL A 613 -11.91 20.24 -34.58
C VAL A 613 -13.35 19.84 -34.30
N LYS A 614 -13.70 19.77 -33.02
CA LYS A 614 -15.06 19.47 -32.60
C LYS A 614 -15.80 20.76 -32.29
N LEU A 615 -17.10 20.66 -32.02
CA LEU A 615 -17.91 21.83 -31.68
C LEU A 615 -17.92 22.07 -30.16
N ASP A 616 -18.87 22.86 -29.69
CA ASP A 616 -18.93 23.19 -28.26
C ASP A 616 -20.34 23.03 -27.67
N PRO A 617 -20.62 21.85 -27.10
CA PRO A 617 -21.90 21.54 -26.46
C PRO A 617 -22.02 22.16 -25.07
N LYS A 618 -22.91 21.61 -24.27
CA LYS A 618 -23.08 22.06 -22.89
C LYS A 618 -22.28 21.19 -21.94
N LEU A 619 -21.13 20.70 -22.42
CA LEU A 619 -20.21 19.95 -21.59
C LEU A 619 -19.44 20.92 -20.69
N ALA A 620 -19.63 22.20 -20.97
CA ALA A 620 -19.10 23.27 -20.12
C ALA A 620 -20.19 23.66 -19.13
N ASN A 621 -19.86 23.63 -17.84
CA ASN A 621 -20.85 23.89 -16.80
C ASN A 621 -21.34 22.59 -16.20
N LEU A 622 -20.62 21.50 -16.50
CA LEU A 622 -20.95 20.19 -15.97
C LEU A 622 -20.71 20.16 -14.46
N SER A 623 -21.42 19.28 -13.76
CA SER A 623 -21.26 19.12 -12.33
C SER A 623 -20.01 18.32 -12.02
N GLU A 624 -19.46 18.49 -10.82
CA GLU A 624 -18.27 17.75 -10.41
C GLU A 624 -18.50 16.25 -10.50
N LYS A 625 -19.71 15.81 -10.17
CA LYS A 625 -20.07 14.41 -10.29
C LYS A 625 -19.97 13.97 -11.76
N ASP A 626 -20.45 14.83 -12.66
CA ASP A 626 -20.46 14.53 -14.09
C ASP A 626 -19.04 14.52 -14.66
N ILE A 627 -18.22 15.47 -14.27
CA ILE A 627 -16.82 15.50 -14.69
C ILE A 627 -16.17 14.17 -14.35
N ILE A 628 -16.25 13.81 -13.08
CA ILE A 628 -15.71 12.54 -12.61
C ILE A 628 -16.31 11.37 -13.39
N GLU A 629 -17.63 11.36 -13.52
CA GLU A 629 -18.32 10.23 -14.16
C GLU A 629 -17.96 10.05 -15.63
N MET A 630 -17.71 11.17 -16.33
CA MET A 630 -17.37 11.11 -17.74
C MET A 630 -15.88 10.84 -17.96
N THR A 631 -15.10 10.99 -16.89
CA THR A 631 -13.66 10.81 -16.96
C THR A 631 -13.24 9.44 -16.46
N PHE A 632 -14.06 8.83 -15.61
CA PHE A 632 -13.69 7.58 -14.95
C PHE A 632 -14.45 6.36 -15.44
N PHE A 633 -15.70 6.56 -15.87
CA PHE A 633 -16.49 5.46 -16.40
C PHE A 633 -15.87 4.85 -17.65
N PRO A 634 -15.28 5.68 -18.53
CA PRO A 634 -14.53 5.13 -19.65
C PRO A 634 -13.32 4.32 -19.19
N VAL A 635 -12.77 4.67 -18.03
CA VAL A 635 -11.67 3.88 -17.45
C VAL A 635 -12.19 2.54 -16.95
N VAL A 636 -13.36 2.57 -16.29
CA VAL A 636 -14.01 1.34 -15.88
C VAL A 636 -14.24 0.47 -17.10
N ASN A 637 -14.75 1.09 -18.15
CA ASN A 637 -15.01 0.40 -19.41
C ASN A 637 -13.77 -0.32 -19.91
N GLU A 638 -12.62 0.34 -19.81
CA GLU A 638 -11.37 -0.22 -20.30
C GLU A 638 -10.86 -1.30 -19.35
N ALA A 639 -11.03 -1.07 -18.06
CA ALA A 639 -10.65 -2.05 -17.05
C ALA A 639 -11.38 -3.37 -17.30
N CYS A 640 -12.63 -3.27 -17.77
CA CYS A 640 -13.43 -4.45 -18.04
C CYS A 640 -12.92 -5.20 -19.27
N ARG A 641 -12.50 -4.46 -20.29
CA ARG A 641 -11.87 -5.07 -21.45
C ARG A 641 -10.63 -5.84 -21.01
N VAL A 642 -9.81 -5.19 -20.19
CA VAL A 642 -8.61 -5.81 -19.66
C VAL A 642 -8.94 -7.05 -18.84
N PHE A 643 -9.96 -6.95 -18.00
CA PHE A 643 -10.36 -8.05 -17.14
C PHE A 643 -10.96 -9.20 -17.94
N ALA A 644 -11.78 -8.86 -18.92
CA ALA A 644 -12.45 -9.87 -19.74
C ALA A 644 -11.47 -10.60 -20.64
N GLU A 645 -10.58 -9.84 -21.27
CA GLU A 645 -9.59 -10.42 -22.18
C GLU A 645 -8.61 -11.35 -21.48
N GLY A 646 -8.64 -11.36 -20.16
CA GLY A 646 -7.75 -12.20 -19.38
C GLY A 646 -6.40 -11.57 -19.14
N ILE A 647 -6.25 -10.31 -19.55
CA ILE A 647 -5.00 -9.60 -19.34
C ILE A 647 -4.67 -9.52 -17.85
N ALA A 648 -5.70 -9.34 -17.04
CA ALA A 648 -5.55 -9.32 -15.59
C ALA A 648 -6.14 -10.59 -15.00
N VAL A 649 -5.45 -11.14 -14.01
CA VAL A 649 -5.87 -12.40 -13.40
C VAL A 649 -7.20 -12.29 -12.70
N LYS A 650 -7.39 -11.20 -11.96
CA LYS A 650 -8.58 -11.02 -11.15
C LYS A 650 -8.87 -9.54 -10.94
N ALA A 651 -10.13 -9.21 -10.76
CA ALA A 651 -10.54 -7.81 -10.59
C ALA A 651 -9.71 -7.11 -9.52
N ALA A 652 -9.48 -7.78 -8.40
CA ALA A 652 -8.77 -7.19 -7.28
C ALA A 652 -7.36 -6.74 -7.65
N ASP A 653 -6.81 -7.33 -8.71
CA ASP A 653 -5.49 -6.92 -9.19
C ASP A 653 -5.58 -5.55 -9.89
N LEU A 654 -6.65 -5.37 -10.67
CA LEU A 654 -6.89 -4.09 -11.32
C LEU A 654 -7.05 -2.96 -10.30
N ASP A 655 -7.69 -3.27 -9.18
CA ASP A 655 -7.88 -2.31 -8.10
C ASP A 655 -6.54 -1.81 -7.59
N ILE A 656 -5.69 -2.73 -7.12
CA ILE A 656 -4.36 -2.40 -6.64
C ILE A 656 -3.55 -1.65 -7.69
N ALA A 657 -3.70 -2.07 -8.94
CA ALA A 657 -2.95 -1.47 -10.04
C ALA A 657 -3.27 0.02 -10.17
N GLY A 658 -4.55 0.33 -10.37
CA GLY A 658 -4.99 1.71 -10.48
C GLY A 658 -4.61 2.50 -9.25
N ILE A 659 -4.83 1.89 -8.08
CA ILE A 659 -4.52 2.53 -6.80
C ILE A 659 -3.03 2.86 -6.69
N MET A 660 -2.19 1.87 -6.93
CA MET A 660 -0.76 1.99 -6.65
C MET A 660 0.02 2.58 -7.82
N GLY A 661 -0.62 2.62 -8.99
CA GLY A 661 0.03 3.15 -10.18
C GLY A 661 -0.44 4.54 -10.53
N MET A 662 -1.70 4.83 -10.24
CA MET A 662 -2.31 6.11 -10.61
C MET A 662 -2.99 6.79 -9.42
N GLY A 663 -2.56 6.44 -8.21
CA GLY A 663 -3.04 7.07 -7.00
C GLY A 663 -4.54 7.13 -6.85
N PHE A 664 -5.25 6.13 -7.38
CA PHE A 664 -6.70 6.05 -7.21
C PHE A 664 -7.02 5.86 -5.73
N PRO A 665 -8.03 6.60 -5.23
CA PRO A 665 -8.44 6.64 -3.82
C PRO A 665 -8.62 5.26 -3.20
N PRO A 666 -7.73 4.90 -2.25
CA PRO A 666 -7.77 3.60 -1.58
C PRO A 666 -9.10 3.36 -0.88
N TYR A 667 -9.64 4.39 -0.24
CA TYR A 667 -10.90 4.27 0.48
C TYR A 667 -12.08 3.99 -0.44
N ARG A 668 -11.85 4.10 -1.75
CA ARG A 668 -12.87 3.75 -2.73
C ARG A 668 -12.67 2.34 -3.27
N GLY A 669 -11.70 1.62 -2.70
CA GLY A 669 -11.51 0.21 -3.00
C GLY A 669 -10.70 -0.11 -4.24
N GLY A 670 -10.76 0.76 -5.24
CA GLY A 670 -10.09 0.54 -6.50
C GLY A 670 -11.05 0.74 -7.67
N ILE A 671 -10.50 0.89 -8.87
CA ILE A 671 -11.31 1.23 -10.04
C ILE A 671 -12.47 0.24 -10.25
N MET A 672 -12.24 -1.03 -9.94
CA MET A 672 -13.27 -2.05 -10.13
C MET A 672 -14.20 -2.15 -8.93
N PHE A 673 -13.62 -2.15 -7.73
CA PHE A 673 -14.41 -2.16 -6.50
C PHE A 673 -15.35 -0.96 -6.47
N TRP A 674 -14.88 0.17 -6.99
CA TRP A 674 -15.66 1.41 -7.03
C TRP A 674 -16.78 1.29 -8.05
N ALA A 675 -16.45 0.71 -9.21
CA ALA A 675 -17.43 0.51 -10.28
C ALA A 675 -18.64 -0.28 -9.78
N ASP A 676 -18.39 -1.36 -9.05
CA ASP A 676 -19.47 -2.16 -8.49
C ASP A 676 -20.13 -1.43 -7.32
N SER A 677 -19.41 -0.47 -6.75
CA SER A 677 -19.93 0.34 -5.66
C SER A 677 -21.05 1.25 -6.15
N ILE A 678 -21.02 1.54 -7.45
CA ILE A 678 -22.01 2.40 -8.08
C ILE A 678 -23.10 1.57 -8.76
N GLY A 679 -22.70 0.43 -9.31
CA GLY A 679 -23.64 -0.46 -9.99
C GLY A 679 -23.40 -0.51 -11.48
N SER A 680 -23.26 -1.72 -12.01
CA SER A 680 -22.99 -1.91 -13.43
C SER A 680 -24.12 -1.37 -14.29
N LYS A 681 -25.36 -1.59 -13.86
CA LYS A 681 -26.52 -1.15 -14.61
C LYS A 681 -26.51 0.36 -14.81
N TYR A 682 -26.14 1.09 -13.77
CA TYR A 682 -25.99 2.54 -13.86
C TYR A 682 -24.88 2.92 -14.83
N ILE A 683 -23.67 2.48 -14.54
CA ILE A 683 -22.51 2.74 -15.38
C ILE A 683 -22.79 2.42 -16.84
N TYR A 684 -23.48 1.30 -17.07
CA TYR A 684 -23.85 0.89 -18.42
C TYR A 684 -24.82 1.89 -19.04
N SER A 685 -25.96 2.09 -18.38
CA SER A 685 -26.99 3.00 -18.87
C SER A 685 -26.44 4.40 -19.16
N ARG A 686 -25.56 4.87 -18.29
CA ARG A 686 -24.98 6.20 -18.42
C ARG A 686 -23.93 6.24 -19.53
N LEU A 687 -23.19 5.15 -19.69
CA LEU A 687 -22.11 5.08 -20.66
C LEU A 687 -22.65 4.91 -22.08
N ASP A 688 -23.88 4.43 -22.18
CA ASP A 688 -24.53 4.26 -23.48
C ASP A 688 -25.13 5.58 -23.94
N GLU A 689 -25.72 6.32 -23.01
CA GLU A 689 -26.28 7.62 -23.32
C GLU A 689 -25.23 8.53 -23.96
N TRP A 690 -23.99 8.38 -23.51
CA TRP A 690 -22.89 9.18 -24.04
C TRP A 690 -22.41 8.65 -25.39
N SER A 691 -22.39 7.32 -25.52
CA SER A 691 -22.01 6.70 -26.78
C SER A 691 -22.94 7.16 -27.90
N LYS A 692 -24.23 7.26 -27.59
CA LYS A 692 -25.22 7.68 -28.55
C LYS A 692 -25.38 9.20 -28.57
N ALA A 693 -24.32 9.91 -28.21
CA ALA A 693 -24.38 11.36 -28.13
C ALA A 693 -23.01 12.03 -28.26
N TYR A 694 -21.95 11.24 -28.34
CA TYR A 694 -20.60 11.80 -28.43
C TYR A 694 -19.65 10.94 -29.26
N GLY A 695 -19.95 9.64 -29.38
CA GLY A 695 -19.14 8.76 -30.19
C GLY A 695 -18.82 7.42 -29.54
N GLU A 696 -18.30 6.50 -30.36
CA GLU A 696 -17.97 5.16 -29.90
C GLU A 696 -16.92 5.13 -28.80
N PHE A 697 -16.31 6.28 -28.54
CA PHE A 697 -15.33 6.39 -27.47
C PHE A 697 -15.95 5.99 -26.14
N PHE A 698 -17.21 6.36 -25.96
CA PHE A 698 -17.91 6.08 -24.71
C PHE A 698 -18.69 4.76 -24.77
N LYS A 699 -18.66 4.11 -25.93
CA LYS A 699 -19.43 2.87 -26.11
C LYS A 699 -18.99 1.80 -25.14
N PRO A 700 -19.95 1.17 -24.45
CA PRO A 700 -19.70 0.08 -23.50
C PRO A 700 -19.14 -1.14 -24.22
N CYS A 701 -18.13 -1.78 -23.64
CA CYS A 701 -17.58 -3.00 -24.22
C CYS A 701 -18.48 -4.19 -23.90
N ALA A 702 -18.47 -5.19 -24.78
CA ALA A 702 -19.34 -6.35 -24.66
C ALA A 702 -19.47 -6.87 -23.23
N PHE A 703 -18.34 -6.99 -22.54
CA PHE A 703 -18.33 -7.49 -21.17
C PHE A 703 -19.19 -6.62 -20.24
N LEU A 704 -18.98 -5.31 -20.29
CA LEU A 704 -19.72 -4.39 -19.42
C LEU A 704 -21.21 -4.39 -19.76
N ALA A 705 -21.51 -4.35 -21.05
CA ALA A 705 -22.90 -4.30 -21.49
C ALA A 705 -23.70 -5.52 -21.03
N GLU A 706 -23.15 -6.71 -21.30
CA GLU A 706 -23.85 -7.95 -20.98
C GLU A 706 -24.08 -8.08 -19.48
N ARG A 707 -23.13 -7.61 -18.69
CA ARG A 707 -23.23 -7.69 -17.23
C ARG A 707 -24.09 -6.55 -16.66
N GLY A 708 -24.01 -5.38 -17.28
CA GLY A 708 -24.74 -4.22 -16.82
C GLY A 708 -26.24 -4.39 -16.90
N SER A 709 -26.70 -4.98 -18.01
CA SER A 709 -28.12 -5.20 -18.22
C SER A 709 -28.71 -6.11 -17.16
N LYS A 710 -27.98 -7.16 -16.80
CA LYS A 710 -28.44 -8.12 -15.81
C LYS A 710 -28.23 -7.59 -14.40
N GLY A 711 -27.56 -6.45 -14.29
CA GLY A 711 -27.31 -5.81 -13.00
C GLY A 711 -26.39 -6.61 -12.11
N VAL A 712 -25.58 -7.48 -12.71
CA VAL A 712 -24.66 -8.32 -11.96
C VAL A 712 -23.35 -7.59 -11.68
N LEU A 713 -22.54 -8.16 -10.79
CA LEU A 713 -21.27 -7.54 -10.42
C LEU A 713 -20.21 -7.70 -11.50
N LEU A 714 -19.42 -6.65 -11.70
CA LEU A 714 -18.39 -6.66 -12.74
C LEU A 714 -17.12 -7.35 -12.27
N SER A 715 -16.87 -7.32 -10.97
CA SER A 715 -15.66 -7.88 -10.40
C SER A 715 -15.74 -9.40 -10.31
N ALA A 716 -16.93 -9.94 -10.54
CA ALA A 716 -17.14 -11.38 -10.53
C ALA A 716 -16.23 -12.06 -11.55
N PRO A 717 -15.70 -13.23 -11.19
CA PRO A 717 -14.79 -13.99 -12.05
C PRO A 717 -15.36 -14.20 -13.44
N VAL A 718 -14.49 -14.20 -14.45
CA VAL A 718 -14.91 -14.40 -15.83
C VAL A 718 -15.28 -15.86 -16.07
N LYS A 719 -16.43 -16.08 -16.69
CA LYS A 719 -16.91 -17.43 -16.98
C LYS A 719 -17.29 -17.59 -18.44
#